data_1K5F
# 
_entry.id   1K5F 
# 
_audit_conform.dict_name       mmcif_pdbx.dic 
_audit_conform.dict_version    5.392 
_audit_conform.dict_location   http://mmcif.pdb.org/dictionaries/ascii/mmcif_pdbx.dic 
# 
loop_
_database_2.database_id 
_database_2.database_code 
_database_2.pdbx_database_accession 
_database_2.pdbx_DOI 
PDB   1K5F         pdb_00001k5f 10.2210/pdb1k5f/pdb 
RCSB  RCSB014582   ?            ?                   
WWPDB D_1000014582 ?            ?                   
# 
loop_
_pdbx_audit_revision_history.ordinal 
_pdbx_audit_revision_history.data_content_type 
_pdbx_audit_revision_history.major_revision 
_pdbx_audit_revision_history.minor_revision 
_pdbx_audit_revision_history.revision_date 
1 'Structure model' 1 0 2002-01-23 
2 'Structure model' 1 1 2008-04-27 
3 'Structure model' 1 2 2011-07-13 
4 'Structure model' 1 3 2022-02-23 
5 'Structure model' 1 4 2024-05-22 
# 
_pdbx_audit_revision_details.ordinal             1 
_pdbx_audit_revision_details.revision_ordinal    1 
_pdbx_audit_revision_details.data_content_type   'Structure model' 
_pdbx_audit_revision_details.provider            repository 
_pdbx_audit_revision_details.type                'Initial release' 
_pdbx_audit_revision_details.description         ? 
_pdbx_audit_revision_details.details             ? 
# 
loop_
_pdbx_audit_revision_group.ordinal 
_pdbx_audit_revision_group.revision_ordinal 
_pdbx_audit_revision_group.data_content_type 
_pdbx_audit_revision_group.group 
1 2 'Structure model' 'Version format compliance' 
2 3 'Structure model' 'Version format compliance' 
3 4 'Structure model' 'Data collection'           
4 4 'Structure model' 'Database references'       
5 4 'Structure model' 'Derived calculations'      
6 5 'Structure model' 'Data collection'           
# 
loop_
_pdbx_audit_revision_category.ordinal 
_pdbx_audit_revision_category.revision_ordinal 
_pdbx_audit_revision_category.data_content_type 
_pdbx_audit_revision_category.category 
1 4 'Structure model' database_2            
2 4 'Structure model' pdbx_nmr_software     
3 4 'Structure model' pdbx_struct_assembly  
4 4 'Structure model' pdbx_struct_oper_list 
5 4 'Structure model' struct_conn           
6 5 'Structure model' chem_comp_atom        
7 5 'Structure model' chem_comp_bond        
# 
loop_
_pdbx_audit_revision_item.ordinal 
_pdbx_audit_revision_item.revision_ordinal 
_pdbx_audit_revision_item.data_content_type 
_pdbx_audit_revision_item.item 
1 4 'Structure model' '_database_2.pdbx_DOI'                
2 4 'Structure model' '_database_2.pdbx_database_accession' 
3 4 'Structure model' '_pdbx_nmr_software.name'             
4 4 'Structure model' '_struct_conn.pdbx_leaving_atom_flag' 
# 
_pdbx_database_status.status_code                     REL 
_pdbx_database_status.entry_id                        1K5F 
_pdbx_database_status.recvd_initial_deposition_date   2001-10-10 
_pdbx_database_status.deposit_site                    RCSB 
_pdbx_database_status.process_site                    RCSB 
_pdbx_database_status.SG_entry                        . 
_pdbx_database_status.pdb_format_compatible           Y 
_pdbx_database_status.status_code_mr                  ? 
_pdbx_database_status.status_code_sf                  ? 
_pdbx_database_status.status_code_cs                  ? 
_pdbx_database_status.status_code_nmr_data            ? 
_pdbx_database_status.methods_development_category    ? 
# 
_pdbx_database_related.db_name        PDB 
_pdbx_database_related.db_id          1k5e 
_pdbx_database_related.details        
;1k5e is the same structure with (R)-(N-PHENYL-2-HYDROXY-ETHYL)-2'-DEOXY-ADENOSINE-5'-MONOPHOSPHATE.
;
_pdbx_database_related.content_type   unspecified 
# 
loop_
_audit_author.name 
_audit_author.pdbx_ordinal 
'Hennard, C.'  1 
'Finneman, J.' 2 
'Harris, C.M.' 3 
'Harris, T.M.' 4 
'Stone, M.P.'  5 
# 
_citation.id                        primary 
_citation.title                     
;The nonmutagenic (R)- and (S)-beta-(N(6)-adenyl)styrene oxide adducts are oriented in the major groove and show little perturbation to DNA
                    structure.
;
_citation.journal_abbrev            Biochemistry 
_citation.journal_volume            40 
_citation.page_first                9780 
_citation.page_last                 9791 
_citation.year                      2001 
_citation.journal_id_ASTM           BICHAW 
_citation.country                   US 
_citation.journal_id_ISSN           0006-2960 
_citation.journal_id_CSD            0033 
_citation.book_publisher            ? 
_citation.pdbx_database_id_PubMed   11502171 
_citation.pdbx_database_id_DOI      10.1021/bi010564v 
# 
loop_
_citation_author.citation_id 
_citation_author.name 
_citation_author.ordinal 
_citation_author.identifier_ORCID 
primary 'Hennard, C.'  1 ? 
primary 'Finneman, J.' 2 ? 
primary 'Harris, C.M.' 3 ? 
primary 'Harris, T.M.' 4 ? 
primary 'Stone, M.P.'  5 ? 
# 
loop_
_entity.id 
_entity.type 
_entity.src_method 
_entity.pdbx_description 
_entity.formula_weight 
_entity.pdbx_number_of_molecules 
_entity.pdbx_ec 
_entity.pdbx_mutation 
_entity.pdbx_fragment 
_entity.details 
1 polymer syn "5'-D(*CP*GP*GP*AP*CP*(ABS)P*AP*GP*AP*AP*G)-3'" 3536.411 1 ? ? ? 'N-RAS PROTOONCOGENE' 
2 polymer syn "5'-D(*CP*TP*TP*CP*TP*TP*GP*TP*CP*CP*G)-3'"     3291.145 1 ? ? ? 'N-RAS PROTOONCOGENE' 
# 
loop_
_entity_poly.entity_id 
_entity_poly.type 
_entity_poly.nstd_linkage 
_entity_poly.nstd_monomer 
_entity_poly.pdbx_seq_one_letter_code 
_entity_poly.pdbx_seq_one_letter_code_can 
_entity_poly.pdbx_strand_id 
_entity_poly.pdbx_target_identifier 
1 polydeoxyribonucleotide no yes '(DC)(DG)(DG)(DA)(DC)(ABS)(DA)(DG)(DA)(DA)(DG)' CGGACAAGAAG A ? 
2 polydeoxyribonucleotide no no  '(DC)(DT)(DT)(DC)(DT)(DT)(DG)(DT)(DC)(DC)(DG)'  CTTCTTGTCCG B ? 
# 
loop_
_entity_poly_seq.entity_id 
_entity_poly_seq.num 
_entity_poly_seq.mon_id 
_entity_poly_seq.hetero 
1 1  DC  n 
1 2  DG  n 
1 3  DG  n 
1 4  DA  n 
1 5  DC  n 
1 6  ABS n 
1 7  DA  n 
1 8  DG  n 
1 9  DA  n 
1 10 DA  n 
1 11 DG  n 
2 1  DC  n 
2 2  DT  n 
2 3  DT  n 
2 4  DC  n 
2 5  DT  n 
2 6  DT  n 
2 7  DG  n 
2 8  DT  n 
2 9  DC  n 
2 10 DC  n 
2 11 DG  n 
# 
loop_
_pdbx_entity_src_syn.entity_id 
_pdbx_entity_src_syn.pdbx_src_id 
_pdbx_entity_src_syn.pdbx_alt_source_flag 
_pdbx_entity_src_syn.pdbx_beg_seq_num 
_pdbx_entity_src_syn.pdbx_end_seq_num 
_pdbx_entity_src_syn.organism_scientific 
_pdbx_entity_src_syn.organism_common_name 
_pdbx_entity_src_syn.ncbi_taxonomy_id 
_pdbx_entity_src_syn.details 
1 1 sample ? ? ? ? ? 'This sequence was generated by an oligonucleotide synthesizer' 
2 1 sample ? ? ? ? ? 'This sequence was generated by an oligonucleotide synthesizer' 
# 
loop_
_chem_comp.id 
_chem_comp.type 
_chem_comp.mon_nstd_flag 
_chem_comp.name 
_chem_comp.pdbx_synonyms 
_chem_comp.formula 
_chem_comp.formula_weight 
ABS 'DNA linking' n "(S)-(N-PHENYL-2-HYDROXY-ETHYL)-2'-DEOXY-ADENOSINE-5'-MONOPHOSPHATE" ? 'C18 H22 N5 O7 P' 451.370 
DA  'DNA linking' y "2'-DEOXYADENOSINE-5'-MONOPHOSPHATE"                                 ? 'C10 H14 N5 O6 P' 331.222 
DC  'DNA linking' y "2'-DEOXYCYTIDINE-5'-MONOPHOSPHATE"                                  ? 'C9 H14 N3 O7 P'  307.197 
DG  'DNA linking' y "2'-DEOXYGUANOSINE-5'-MONOPHOSPHATE"                                 ? 'C10 H14 N5 O7 P' 347.221 
DT  'DNA linking' y "THYMIDINE-5'-MONOPHOSPHATE"                                         ? 'C10 H15 N2 O8 P' 322.208 
# 
loop_
_pdbx_poly_seq_scheme.asym_id 
_pdbx_poly_seq_scheme.entity_id 
_pdbx_poly_seq_scheme.seq_id 
_pdbx_poly_seq_scheme.mon_id 
_pdbx_poly_seq_scheme.ndb_seq_num 
_pdbx_poly_seq_scheme.pdb_seq_num 
_pdbx_poly_seq_scheme.auth_seq_num 
_pdbx_poly_seq_scheme.pdb_mon_id 
_pdbx_poly_seq_scheme.auth_mon_id 
_pdbx_poly_seq_scheme.pdb_strand_id 
_pdbx_poly_seq_scheme.pdb_ins_code 
_pdbx_poly_seq_scheme.hetero 
A 1 1  DC  1  1  1  DC  C   A . n 
A 1 2  DG  2  2  2  DG  G   A . n 
A 1 3  DG  3  3  3  DG  G   A . n 
A 1 4  DA  4  4  4  DA  A   A . n 
A 1 5  DC  5  5  5  DC  C   A . n 
A 1 6  ABS 6  6  6  ABS ABS A . n 
A 1 7  DA  7  7  7  DA  A   A . n 
A 1 8  DG  8  8  8  DG  G   A . n 
A 1 9  DA  9  9  9  DA  A   A . n 
A 1 10 DA  10 10 10 DA  A   A . n 
A 1 11 DG  11 11 11 DG  G   A . n 
B 2 1  DC  1  12 12 DC  C   B . n 
B 2 2  DT  2  13 13 DT  T   B . n 
B 2 3  DT  3  14 14 DT  T   B . n 
B 2 4  DC  4  15 15 DC  C   B . n 
B 2 5  DT  5  16 16 DT  T   B . n 
B 2 6  DT  6  17 17 DT  T   B . n 
B 2 7  DG  7  18 18 DG  G   B . n 
B 2 8  DT  8  19 19 DT  T   B . n 
B 2 9  DC  9  20 20 DC  C   B . n 
B 2 10 DC  10 21 21 DC  C   B . n 
B 2 11 DG  11 22 22 DG  G   B . n 
# 
_exptl.entry_id          1K5F 
_exptl.method            'SOLUTION NMR' 
_exptl.crystals_number   ? 
# 
_exptl_crystal.id                    1 
_exptl_crystal.density_meas          ? 
_exptl_crystal.density_Matthews      ? 
_exptl_crystal.density_percent_sol   ? 
_exptl_crystal.description           ? 
# 
_diffrn.id                     1 
_diffrn.ambient_temp           ? 
_diffrn.ambient_temp_details   ? 
_diffrn.crystal_id             1 
# 
_diffrn_radiation.diffrn_id                        1 
_diffrn_radiation.wavelength_id                    1 
_diffrn_radiation.pdbx_monochromatic_or_laue_m_l   M 
_diffrn_radiation.monochromator                    ? 
_diffrn_radiation.pdbx_diffrn_protocol             'SINGLE WAVELENGTH' 
_diffrn_radiation.pdbx_scattering_type             ? 
# 
_diffrn_radiation_wavelength.id           1 
_diffrn_radiation_wavelength.wavelength   . 
_diffrn_radiation_wavelength.wt           1.0 
# 
_struct.entry_id                  1K5F 
_struct.title                     'SOLUTION STRUCTURE OF THE S-STYRENE ADDUCT IN THE RAS61 SEQUENCE' 
_struct.pdbx_model_details        ? 
_struct.pdbx_CASP_flag            ? 
_struct.pdbx_model_type_details   'minimized average' 
# 
_struct_keywords.entry_id        1K5F 
_struct_keywords.pdbx_keywords   DNA 
_struct_keywords.text            'Styrene, DNA adduct, solution structure of DNA, DNA' 
# 
loop_
_struct_asym.id 
_struct_asym.pdbx_blank_PDB_chainid_flag 
_struct_asym.pdbx_modified 
_struct_asym.entity_id 
_struct_asym.details 
A N N 1 ? 
B N N 2 ? 
# 
loop_
_struct_ref.id 
_struct_ref.entity_id 
_struct_ref.db_name 
_struct_ref.db_code 
_struct_ref.pdbx_db_accession 
_struct_ref.pdbx_db_isoform 
_struct_ref.pdbx_seq_one_letter_code 
_struct_ref.pdbx_align_begin 
1 1 PDB 1K5F 1K5F ? ? ? 
2 2 PDB 1K5F 1K5F ? ? ? 
# 
loop_
_struct_ref_seq.align_id 
_struct_ref_seq.ref_id 
_struct_ref_seq.pdbx_PDB_id_code 
_struct_ref_seq.pdbx_strand_id 
_struct_ref_seq.seq_align_beg 
_struct_ref_seq.pdbx_seq_align_beg_ins_code 
_struct_ref_seq.seq_align_end 
_struct_ref_seq.pdbx_seq_align_end_ins_code 
_struct_ref_seq.pdbx_db_accession 
_struct_ref_seq.db_align_beg 
_struct_ref_seq.pdbx_db_align_beg_ins_code 
_struct_ref_seq.db_align_end 
_struct_ref_seq.pdbx_db_align_end_ins_code 
_struct_ref_seq.pdbx_auth_seq_align_beg 
_struct_ref_seq.pdbx_auth_seq_align_end 
1 1 1K5F A 1 ? 11 ? 1K5F 1  ? 11 ? 1  11 
2 2 1K5F B 1 ? 11 ? 1K5F 12 ? 22 ? 12 22 
# 
_pdbx_struct_assembly.id                   1 
_pdbx_struct_assembly.details              author_defined_assembly 
_pdbx_struct_assembly.method_details       ? 
_pdbx_struct_assembly.oligomeric_details   dimeric 
_pdbx_struct_assembly.oligomeric_count     2 
# 
_pdbx_struct_assembly_gen.assembly_id       1 
_pdbx_struct_assembly_gen.oper_expression   1 
_pdbx_struct_assembly_gen.asym_id_list      A,B 
# 
_pdbx_struct_oper_list.id                   1 
_pdbx_struct_oper_list.type                 'identity operation' 
_pdbx_struct_oper_list.name                 1_555 
_pdbx_struct_oper_list.symmetry_operation   x,y,z 
_pdbx_struct_oper_list.matrix[1][1]         1.0000000000 
_pdbx_struct_oper_list.matrix[1][2]         0.0000000000 
_pdbx_struct_oper_list.matrix[1][3]         0.0000000000 
_pdbx_struct_oper_list.vector[1]            0.0000000000 
_pdbx_struct_oper_list.matrix[2][1]         0.0000000000 
_pdbx_struct_oper_list.matrix[2][2]         1.0000000000 
_pdbx_struct_oper_list.matrix[2][3]         0.0000000000 
_pdbx_struct_oper_list.vector[2]            0.0000000000 
_pdbx_struct_oper_list.matrix[3][1]         0.0000000000 
_pdbx_struct_oper_list.matrix[3][2]         0.0000000000 
_pdbx_struct_oper_list.matrix[3][3]         1.0000000000 
_pdbx_struct_oper_list.vector[3]            0.0000000000 
# 
_struct_biol.id   1 
# 
loop_
_struct_conn.id 
_struct_conn.conn_type_id 
_struct_conn.pdbx_leaving_atom_flag 
_struct_conn.pdbx_PDB_id 
_struct_conn.ptnr1_label_asym_id 
_struct_conn.ptnr1_label_comp_id 
_struct_conn.ptnr1_label_seq_id 
_struct_conn.ptnr1_label_atom_id 
_struct_conn.pdbx_ptnr1_label_alt_id 
_struct_conn.pdbx_ptnr1_PDB_ins_code 
_struct_conn.pdbx_ptnr1_standard_comp_id 
_struct_conn.ptnr1_symmetry 
_struct_conn.ptnr2_label_asym_id 
_struct_conn.ptnr2_label_comp_id 
_struct_conn.ptnr2_label_seq_id 
_struct_conn.ptnr2_label_atom_id 
_struct_conn.pdbx_ptnr2_label_alt_id 
_struct_conn.pdbx_ptnr2_PDB_ins_code 
_struct_conn.ptnr1_auth_asym_id 
_struct_conn.ptnr1_auth_comp_id 
_struct_conn.ptnr1_auth_seq_id 
_struct_conn.ptnr2_auth_asym_id 
_struct_conn.ptnr2_auth_comp_id 
_struct_conn.ptnr2_auth_seq_id 
_struct_conn.ptnr2_symmetry 
_struct_conn.pdbx_ptnr3_label_atom_id 
_struct_conn.pdbx_ptnr3_label_seq_id 
_struct_conn.pdbx_ptnr3_label_comp_id 
_struct_conn.pdbx_ptnr3_label_asym_id 
_struct_conn.pdbx_ptnr3_label_alt_id 
_struct_conn.pdbx_ptnr3_PDB_ins_code 
_struct_conn.details 
_struct_conn.pdbx_dist_value 
_struct_conn.pdbx_value_order 
_struct_conn.pdbx_role 
covale1  covale both ? A DC  5  "O3'" ? ? ? 1_555 A ABS 6  P  ? ? A DC  5  A ABS 6  1_555 ? ? ? ? ? ? ?            1.613 ? ? 
covale2  covale both ? A ABS 6  "O3'" ? ? ? 1_555 A DA  7  P  ? ? A ABS 6  A DA  7  1_555 ? ? ? ? ? ? ?            1.610 ? ? 
hydrog1  hydrog ?    ? A DC  1  N3    ? ? ? 1_555 B DG  11 N1 ? ? A DC  1  B DG  22 1_555 ? ? ? ? ? ? WATSON-CRICK ?     ? ? 
hydrog2  hydrog ?    ? A DC  1  N4    ? ? ? 1_555 B DG  11 O6 ? ? A DC  1  B DG  22 1_555 ? ? ? ? ? ? WATSON-CRICK ?     ? ? 
hydrog3  hydrog ?    ? A DC  1  O2    ? ? ? 1_555 B DG  11 N2 ? ? A DC  1  B DG  22 1_555 ? ? ? ? ? ? WATSON-CRICK ?     ? ? 
hydrog4  hydrog ?    ? A DG  2  N1    ? ? ? 1_555 B DC  10 N3 ? ? A DG  2  B DC  21 1_555 ? ? ? ? ? ? WATSON-CRICK ?     ? ? 
hydrog5  hydrog ?    ? A DG  2  N2    ? ? ? 1_555 B DC  10 O2 ? ? A DG  2  B DC  21 1_555 ? ? ? ? ? ? WATSON-CRICK ?     ? ? 
hydrog6  hydrog ?    ? A DG  2  O6    ? ? ? 1_555 B DC  10 N4 ? ? A DG  2  B DC  21 1_555 ? ? ? ? ? ? WATSON-CRICK ?     ? ? 
hydrog7  hydrog ?    ? A DG  3  N1    ? ? ? 1_555 B DC  9  N3 ? ? A DG  3  B DC  20 1_555 ? ? ? ? ? ? WATSON-CRICK ?     ? ? 
hydrog8  hydrog ?    ? A DG  3  N2    ? ? ? 1_555 B DC  9  O2 ? ? A DG  3  B DC  20 1_555 ? ? ? ? ? ? WATSON-CRICK ?     ? ? 
hydrog9  hydrog ?    ? A DG  3  O6    ? ? ? 1_555 B DC  9  N4 ? ? A DG  3  B DC  20 1_555 ? ? ? ? ? ? WATSON-CRICK ?     ? ? 
hydrog10 hydrog ?    ? A DA  4  N1    ? ? ? 1_555 B DT  8  N3 ? ? A DA  4  B DT  19 1_555 ? ? ? ? ? ? WATSON-CRICK ?     ? ? 
hydrog11 hydrog ?    ? A DA  4  N6    ? ? ? 1_555 B DT  8  O4 ? ? A DA  4  B DT  19 1_555 ? ? ? ? ? ? WATSON-CRICK ?     ? ? 
hydrog12 hydrog ?    ? A DC  5  N3    ? ? ? 1_555 B DG  7  N1 ? ? A DC  5  B DG  18 1_555 ? ? ? ? ? ? WATSON-CRICK ?     ? ? 
hydrog13 hydrog ?    ? A DC  5  N4    ? ? ? 1_555 B DG  7  O6 ? ? A DC  5  B DG  18 1_555 ? ? ? ? ? ? WATSON-CRICK ?     ? ? 
hydrog14 hydrog ?    ? A DC  5  O2    ? ? ? 1_555 B DG  7  N2 ? ? A DC  5  B DG  18 1_555 ? ? ? ? ? ? WATSON-CRICK ?     ? ? 
hydrog15 hydrog ?    ? A ABS 6  N1    ? ? ? 1_555 B DT  6  N3 ? ? A ABS 6  B DT  17 1_555 ? ? ? ? ? ? WATSON-CRICK ?     ? ? 
hydrog16 hydrog ?    ? A ABS 6  N6    ? ? ? 1_555 B DT  6  O4 ? ? A ABS 6  B DT  17 1_555 ? ? ? ? ? ? WATSON-CRICK ?     ? ? 
hydrog17 hydrog ?    ? A DA  7  N1    ? ? ? 1_555 B DT  5  N3 ? ? A DA  7  B DT  16 1_555 ? ? ? ? ? ? WATSON-CRICK ?     ? ? 
hydrog18 hydrog ?    ? A DA  7  N6    ? ? ? 1_555 B DT  5  O4 ? ? A DA  7  B DT  16 1_555 ? ? ? ? ? ? WATSON-CRICK ?     ? ? 
hydrog19 hydrog ?    ? A DG  8  N1    ? ? ? 1_555 B DC  4  N3 ? ? A DG  8  B DC  15 1_555 ? ? ? ? ? ? WATSON-CRICK ?     ? ? 
hydrog20 hydrog ?    ? A DG  8  N2    ? ? ? 1_555 B DC  4  O2 ? ? A DG  8  B DC  15 1_555 ? ? ? ? ? ? WATSON-CRICK ?     ? ? 
hydrog21 hydrog ?    ? A DG  8  O6    ? ? ? 1_555 B DC  4  N4 ? ? A DG  8  B DC  15 1_555 ? ? ? ? ? ? WATSON-CRICK ?     ? ? 
hydrog22 hydrog ?    ? A DA  9  N1    ? ? ? 1_555 B DT  3  N3 ? ? A DA  9  B DT  14 1_555 ? ? ? ? ? ? WATSON-CRICK ?     ? ? 
hydrog23 hydrog ?    ? A DA  9  N6    ? ? ? 1_555 B DT  3  O4 ? ? A DA  9  B DT  14 1_555 ? ? ? ? ? ? WATSON-CRICK ?     ? ? 
hydrog24 hydrog ?    ? A DA  10 N1    ? ? ? 1_555 B DT  2  N3 ? ? A DA  10 B DT  13 1_555 ? ? ? ? ? ? WATSON-CRICK ?     ? ? 
hydrog25 hydrog ?    ? A DA  10 N6    ? ? ? 1_555 B DT  2  O4 ? ? A DA  10 B DT  13 1_555 ? ? ? ? ? ? WATSON-CRICK ?     ? ? 
hydrog26 hydrog ?    ? A DG  11 N1    ? ? ? 1_555 B DC  1  N3 ? ? A DG  11 B DC  12 1_555 ? ? ? ? ? ? WATSON-CRICK ?     ? ? 
hydrog27 hydrog ?    ? A DG  11 N2    ? ? ? 1_555 B DC  1  O2 ? ? A DG  11 B DC  12 1_555 ? ? ? ? ? ? WATSON-CRICK ?     ? ? 
hydrog28 hydrog ?    ? A DG  11 O6    ? ? ? 1_555 B DC  1  N4 ? ? A DG  11 B DC  12 1_555 ? ? ? ? ? ? WATSON-CRICK ?     ? ? 
# 
loop_
_struct_conn_type.id 
_struct_conn_type.criteria 
_struct_conn_type.reference 
covale ? ? 
hydrog ? ? 
# 
_pdbx_validate_rmsd_bond.id                        1 
_pdbx_validate_rmsd_bond.PDB_model_num             1 
_pdbx_validate_rmsd_bond.auth_atom_id_1            C5 
_pdbx_validate_rmsd_bond.auth_asym_id_1            B 
_pdbx_validate_rmsd_bond.auth_comp_id_1            DT 
_pdbx_validate_rmsd_bond.auth_seq_id_1             13 
_pdbx_validate_rmsd_bond.PDB_ins_code_1            ? 
_pdbx_validate_rmsd_bond.label_alt_id_1            ? 
_pdbx_validate_rmsd_bond.auth_atom_id_2            C7 
_pdbx_validate_rmsd_bond.auth_asym_id_2            B 
_pdbx_validate_rmsd_bond.auth_comp_id_2            DT 
_pdbx_validate_rmsd_bond.auth_seq_id_2             13 
_pdbx_validate_rmsd_bond.PDB_ins_code_2            ? 
_pdbx_validate_rmsd_bond.label_alt_id_2            ? 
_pdbx_validate_rmsd_bond.bond_value                1.534 
_pdbx_validate_rmsd_bond.bond_target_value         1.496 
_pdbx_validate_rmsd_bond.bond_deviation            0.038 
_pdbx_validate_rmsd_bond.bond_standard_deviation   0.006 
_pdbx_validate_rmsd_bond.linker_flag               N 
# 
loop_
_pdbx_validate_rmsd_angle.id 
_pdbx_validate_rmsd_angle.PDB_model_num 
_pdbx_validate_rmsd_angle.auth_atom_id_1 
_pdbx_validate_rmsd_angle.auth_asym_id_1 
_pdbx_validate_rmsd_angle.auth_comp_id_1 
_pdbx_validate_rmsd_angle.auth_seq_id_1 
_pdbx_validate_rmsd_angle.PDB_ins_code_1 
_pdbx_validate_rmsd_angle.label_alt_id_1 
_pdbx_validate_rmsd_angle.auth_atom_id_2 
_pdbx_validate_rmsd_angle.auth_asym_id_2 
_pdbx_validate_rmsd_angle.auth_comp_id_2 
_pdbx_validate_rmsd_angle.auth_seq_id_2 
_pdbx_validate_rmsd_angle.PDB_ins_code_2 
_pdbx_validate_rmsd_angle.label_alt_id_2 
_pdbx_validate_rmsd_angle.auth_atom_id_3 
_pdbx_validate_rmsd_angle.auth_asym_id_3 
_pdbx_validate_rmsd_angle.auth_comp_id_3 
_pdbx_validate_rmsd_angle.auth_seq_id_3 
_pdbx_validate_rmsd_angle.PDB_ins_code_3 
_pdbx_validate_rmsd_angle.label_alt_id_3 
_pdbx_validate_rmsd_angle.angle_value 
_pdbx_validate_rmsd_angle.angle_target_value 
_pdbx_validate_rmsd_angle.angle_deviation 
_pdbx_validate_rmsd_angle.angle_standard_deviation 
_pdbx_validate_rmsd_angle.linker_flag 
1  1 "O4'" A DC 1  ? ? "C1'" A DC 1  ? ? N1 A DC 1  ? ? 110.90 108.30 2.60  0.30 N 
2  1 N7    A DG 2  ? ? C8    A DG 2  ? ? N9 A DG 2  ? ? 117.70 113.10 4.60  0.50 N 
3  1 C8    A DG 2  ? ? N9    A DG 2  ? ? C4 A DG 2  ? ? 103.70 106.40 -2.70 0.40 N 
4  1 N7    A DG 3  ? ? C8    A DG 3  ? ? N9 A DG 3  ? ? 117.66 113.10 4.56  0.50 N 
5  1 "O4'" A DA 4  ? ? "C1'" A DA 4  ? ? N9 A DA 4  ? ? 110.41 108.30 2.11  0.30 N 
6  1 N7    A DA 4  ? ? C8    A DA 4  ? ? N9 A DA 4  ? ? 117.62 113.80 3.82  0.50 N 
7  1 "O4'" A DC 5  ? ? "C1'" A DC 5  ? ? N1 A DC 5  ? ? 110.80 108.30 2.50  0.30 N 
8  1 N7    A DA 7  ? ? C8    A DA 7  ? ? N9 A DA 7  ? ? 118.08 113.80 4.28  0.50 N 
9  1 "O4'" A DG 8  ? ? "C1'" A DG 8  ? ? N9 A DG 8  ? ? 111.21 108.30 2.91  0.30 N 
10 1 N7    A DG 8  ? ? C8    A DG 8  ? ? N9 A DG 8  ? ? 117.65 113.10 4.55  0.50 N 
11 1 C8    A DG 8  ? ? N9    A DG 8  ? ? C4 A DG 8  ? ? 103.60 106.40 -2.80 0.40 N 
12 1 "O4'" A DA 9  ? ? "C1'" A DA 9  ? ? N9 A DA 9  ? ? 110.63 108.30 2.33  0.30 N 
13 1 N7    A DA 9  ? ? C8    A DA 9  ? ? N9 A DA 9  ? ? 117.57 113.80 3.77  0.50 N 
14 1 "O4'" A DA 10 ? ? "C1'" A DA 10 ? ? N9 A DA 10 ? ? 110.83 108.30 2.53  0.30 N 
15 1 N7    A DA 10 ? ? C8    A DA 10 ? ? N9 A DA 10 ? ? 117.59 113.80 3.79  0.50 N 
16 1 "O4'" A DG 11 ? ? "C1'" A DG 11 ? ? N9 A DG 11 ? ? 110.86 108.30 2.56  0.30 N 
17 1 N7    A DG 11 ? ? C8    A DG 11 ? ? N9 A DG 11 ? ? 117.60 113.10 4.50  0.50 N 
18 1 C8    A DG 11 ? ? N9    A DG 11 ? ? C4 A DG 11 ? ? 103.76 106.40 -2.64 0.40 N 
19 1 "O4'" B DT 13 ? ? "C1'" B DT 13 ? ? N1 B DT 13 ? ? 110.53 108.30 2.23  0.30 N 
20 1 "O4'" B DT 14 ? ? "C1'" B DT 14 ? ? N1 B DT 14 ? ? 110.53 108.30 2.23  0.30 N 
21 1 "O4'" B DC 15 ? ? "C1'" B DC 15 ? ? N1 B DC 15 ? ? 112.09 108.30 3.79  0.30 N 
22 1 "O4'" B DT 16 ? ? "C1'" B DT 16 ? ? N1 B DT 16 ? ? 111.16 108.30 2.86  0.30 N 
23 1 "O4'" B DT 17 ? ? "C1'" B DT 17 ? ? N1 B DT 17 ? ? 111.75 108.30 3.45  0.30 N 
24 1 "O4'" B DG 18 ? ? "C1'" B DG 18 ? ? N9 B DG 18 ? ? 110.99 108.30 2.69  0.30 N 
25 1 N7    B DG 18 ? ? C8    B DG 18 ? ? N9 B DG 18 ? ? 117.73 113.10 4.63  0.50 N 
26 1 C8    B DG 18 ? ? N9    B DG 18 ? ? C4 B DG 18 ? ? 103.92 106.40 -2.48 0.40 N 
27 1 "O4'" B DT 19 ? ? "C1'" B DT 19 ? ? N1 B DT 19 ? ? 110.11 108.30 1.81  0.30 N 
28 1 C6    B DT 19 ? ? C5    B DT 19 ? ? C7 B DT 19 ? ? 119.08 122.90 -3.82 0.60 N 
29 1 "O4'" B DC 20 ? ? "C1'" B DC 20 ? ? N1 B DC 20 ? ? 111.23 108.30 2.93  0.30 N 
30 1 "O4'" B DG 22 ? ? "C1'" B DG 22 ? ? N9 B DG 22 ? ? 111.15 108.30 2.85  0.30 N 
31 1 N7    B DG 22 ? ? C8    B DG 22 ? ? N9 B DG 22 ? ? 117.78 113.10 4.68  0.50 N 
32 1 C8    B DG 22 ? ? N9    B DG 22 ? ? C4 B DG 22 ? ? 103.65 106.40 -2.75 0.40 N 
# 
_pdbx_struct_mod_residue.id               1 
_pdbx_struct_mod_residue.label_asym_id    A 
_pdbx_struct_mod_residue.label_comp_id    ABS 
_pdbx_struct_mod_residue.label_seq_id     6 
_pdbx_struct_mod_residue.auth_asym_id     A 
_pdbx_struct_mod_residue.auth_comp_id     ABS 
_pdbx_struct_mod_residue.auth_seq_id      6 
_pdbx_struct_mod_residue.PDB_ins_code     ? 
_pdbx_struct_mod_residue.parent_comp_id   DA 
_pdbx_struct_mod_residue.details          ? 
# 
_pdbx_nmr_ensemble.entry_id                                      1K5F 
_pdbx_nmr_ensemble.conformers_calculated_total_number            50 
_pdbx_nmr_ensemble.conformers_submitted_total_number             1 
_pdbx_nmr_ensemble.conformer_selection_criteria                  'back calculated data agree with experimental NOESY spectrum' 
_pdbx_nmr_ensemble.average_constraints_per_residue               ? 
_pdbx_nmr_ensemble.average_constraint_violations_per_residue     ? 
_pdbx_nmr_ensemble.maximum_distance_constraint_violation         ? 
_pdbx_nmr_ensemble.average_distance_constraint_violation         ? 
_pdbx_nmr_ensemble.maximum_upper_distance_constraint_violation   ? 
_pdbx_nmr_ensemble.maximum_lower_distance_constraint_violation   ? 
_pdbx_nmr_ensemble.distance_constraint_violation_method          ? 
_pdbx_nmr_ensemble.maximum_torsion_angle_constraint_violation    ? 
_pdbx_nmr_ensemble.average_torsion_angle_constraint_violation    ? 
_pdbx_nmr_ensemble.torsion_angle_constraint_violation_method     ? 
# 
_pdbx_nmr_representative.entry_id             1K5F 
_pdbx_nmr_representative.conformer_id         1 
_pdbx_nmr_representative.selection_criteria   'minimized average structure' 
# 
_pdbx_nmr_sample_details.solution_id      1 
_pdbx_nmr_sample_details.contents         
'130 OD260 of double stranded oligodeoxynucleotide dissolved in 0.5 ml nmr buffer containing 99.996% D2O' 
_pdbx_nmr_sample_details.solvent_system   'The buffer is 10mM sodium phosphate pH 6.9 containing 100mM NaCl and 0.05mM Na2EDTA' 
# 
_pdbx_nmr_exptl_sample_conditions.conditions_id       1 
_pdbx_nmr_exptl_sample_conditions.temperature         283 
_pdbx_nmr_exptl_sample_conditions.pressure            1 
_pdbx_nmr_exptl_sample_conditions.pH                  6.9 
_pdbx_nmr_exptl_sample_conditions.ionic_strength      '10mM phosphate buffer' 
_pdbx_nmr_exptl_sample_conditions.pressure_units      atm 
_pdbx_nmr_exptl_sample_conditions.temperature_units   K 
# 
loop_
_pdbx_nmr_exptl.experiment_id 
_pdbx_nmr_exptl.solution_id 
_pdbx_nmr_exptl.conditions_id 
_pdbx_nmr_exptl.type 
1 1 1 Noesy    
2 1 1 DQF-COSY 
# 
_pdbx_nmr_details.entry_id   1K5F 
_pdbx_nmr_details.text       'NOESY at 100, 150 and 200 ms mixing time' 
# 
_pdbx_nmr_refine.entry_id           1K5F 
_pdbx_nmr_refine.method             'simulated annealing, molecular dynamics, matrix relaxation' 
_pdbx_nmr_refine.details            ? 
_pdbx_nmr_refine.software_ordinal   1 
# 
loop_
_pdbx_nmr_software.name 
_pdbx_nmr_software.version 
_pdbx_nmr_software.classification 
_pdbx_nmr_software.authors 
_pdbx_nmr_software.ordinal 
Felix     97   collection                    'Molecular Simulations' 1 
MARDIGRAS 3.0  refinement                    'James, TL'             2 
X-PLOR    3.85 'iterative matrix relaxation' Brunger                 3 
CORMA     4.0  'data analysis'               James                   4 
# 
loop_
_chem_comp_atom.comp_id 
_chem_comp_atom.atom_id 
_chem_comp_atom.type_symbol 
_chem_comp_atom.pdbx_aromatic_flag 
_chem_comp_atom.pdbx_stereo_config 
_chem_comp_atom.pdbx_ordinal 
ABS P      P N N 1   
ABS OP1    O N N 2   
ABS OP2    O N N 3   
ABS "O5'"  O N N 4   
ABS "C5'"  C N N 5   
ABS "C4'"  C N R 6   
ABS "O4'"  O N N 7   
ABS "C1'"  C N R 8   
ABS N9     N Y N 9   
ABS C4     C Y N 10  
ABS N3     N Y N 11  
ABS C2     C Y N 12  
ABS N1     N Y N 13  
ABS C6     C Y N 14  
ABS N6     N N N 15  
ABS CA     C N S 16  
ABS OA     O N N 17  
ABS CB     C N N 18  
ABS CS6    C Y N 19  
ABS CS1    C Y N 20  
ABS CS5    C Y N 21  
ABS CS2    C Y N 22  
ABS CS4    C Y N 23  
ABS CS3    C Y N 24  
ABS C5     C Y N 25  
ABS N7     N Y N 26  
ABS C8     C Y N 27  
ABS "C2'"  C N N 28  
ABS "C3'"  C N S 29  
ABS "O3'"  O N N 30  
ABS OP3    O N N 31  
ABS HOP2   H N N 32  
ABS "H5'"  H N N 33  
ABS "H5''" H N N 34  
ABS "H4'"  H N N 35  
ABS "H1'"  H N N 36  
ABS H2     H N N 37  
ABS H6     H N N 38  
ABS HA     H N N 39  
ABS HOA    H N N 40  
ABS HB1    H N N 41  
ABS HB2    H N N 42  
ABS HS1    H N N 43  
ABS HS5    H N N 44  
ABS HS2    H N N 45  
ABS HS4    H N N 46  
ABS HS3    H N N 47  
ABS H8     H N N 48  
ABS "H2'"  H N N 49  
ABS "H2''" H N N 50  
ABS "H3'"  H N N 51  
ABS "HO3'" H N N 52  
ABS HOP3   H N N 53  
DA  OP3    O N N 54  
DA  P      P N N 55  
DA  OP1    O N N 56  
DA  OP2    O N N 57  
DA  "O5'"  O N N 58  
DA  "C5'"  C N N 59  
DA  "C4'"  C N R 60  
DA  "O4'"  O N N 61  
DA  "C3'"  C N S 62  
DA  "O3'"  O N N 63  
DA  "C2'"  C N N 64  
DA  "C1'"  C N R 65  
DA  N9     N Y N 66  
DA  C8     C Y N 67  
DA  N7     N Y N 68  
DA  C5     C Y N 69  
DA  C6     C Y N 70  
DA  N6     N N N 71  
DA  N1     N Y N 72  
DA  C2     C Y N 73  
DA  N3     N Y N 74  
DA  C4     C Y N 75  
DA  HOP3   H N N 76  
DA  HOP2   H N N 77  
DA  "H5'"  H N N 78  
DA  "H5''" H N N 79  
DA  "H4'"  H N N 80  
DA  "H3'"  H N N 81  
DA  "HO3'" H N N 82  
DA  "H2'"  H N N 83  
DA  "H2''" H N N 84  
DA  "H1'"  H N N 85  
DA  H8     H N N 86  
DA  H61    H N N 87  
DA  H62    H N N 88  
DA  H2     H N N 89  
DC  OP3    O N N 90  
DC  P      P N N 91  
DC  OP1    O N N 92  
DC  OP2    O N N 93  
DC  "O5'"  O N N 94  
DC  "C5'"  C N N 95  
DC  "C4'"  C N R 96  
DC  "O4'"  O N N 97  
DC  "C3'"  C N S 98  
DC  "O3'"  O N N 99  
DC  "C2'"  C N N 100 
DC  "C1'"  C N R 101 
DC  N1     N N N 102 
DC  C2     C N N 103 
DC  O2     O N N 104 
DC  N3     N N N 105 
DC  C4     C N N 106 
DC  N4     N N N 107 
DC  C5     C N N 108 
DC  C6     C N N 109 
DC  HOP3   H N N 110 
DC  HOP2   H N N 111 
DC  "H5'"  H N N 112 
DC  "H5''" H N N 113 
DC  "H4'"  H N N 114 
DC  "H3'"  H N N 115 
DC  "HO3'" H N N 116 
DC  "H2'"  H N N 117 
DC  "H2''" H N N 118 
DC  "H1'"  H N N 119 
DC  H41    H N N 120 
DC  H42    H N N 121 
DC  H5     H N N 122 
DC  H6     H N N 123 
DG  OP3    O N N 124 
DG  P      P N N 125 
DG  OP1    O N N 126 
DG  OP2    O N N 127 
DG  "O5'"  O N N 128 
DG  "C5'"  C N N 129 
DG  "C4'"  C N R 130 
DG  "O4'"  O N N 131 
DG  "C3'"  C N S 132 
DG  "O3'"  O N N 133 
DG  "C2'"  C N N 134 
DG  "C1'"  C N R 135 
DG  N9     N Y N 136 
DG  C8     C Y N 137 
DG  N7     N Y N 138 
DG  C5     C Y N 139 
DG  C6     C N N 140 
DG  O6     O N N 141 
DG  N1     N N N 142 
DG  C2     C N N 143 
DG  N2     N N N 144 
DG  N3     N N N 145 
DG  C4     C Y N 146 
DG  HOP3   H N N 147 
DG  HOP2   H N N 148 
DG  "H5'"  H N N 149 
DG  "H5''" H N N 150 
DG  "H4'"  H N N 151 
DG  "H3'"  H N N 152 
DG  "HO3'" H N N 153 
DG  "H2'"  H N N 154 
DG  "H2''" H N N 155 
DG  "H1'"  H N N 156 
DG  H8     H N N 157 
DG  H1     H N N 158 
DG  H21    H N N 159 
DG  H22    H N N 160 
DT  OP3    O N N 161 
DT  P      P N N 162 
DT  OP1    O N N 163 
DT  OP2    O N N 164 
DT  "O5'"  O N N 165 
DT  "C5'"  C N N 166 
DT  "C4'"  C N R 167 
DT  "O4'"  O N N 168 
DT  "C3'"  C N S 169 
DT  "O3'"  O N N 170 
DT  "C2'"  C N N 171 
DT  "C1'"  C N R 172 
DT  N1     N N N 173 
DT  C2     C N N 174 
DT  O2     O N N 175 
DT  N3     N N N 176 
DT  C4     C N N 177 
DT  O4     O N N 178 
DT  C5     C N N 179 
DT  C7     C N N 180 
DT  C6     C N N 181 
DT  HOP3   H N N 182 
DT  HOP2   H N N 183 
DT  "H5'"  H N N 184 
DT  "H5''" H N N 185 
DT  "H4'"  H N N 186 
DT  "H3'"  H N N 187 
DT  "HO3'" H N N 188 
DT  "H2'"  H N N 189 
DT  "H2''" H N N 190 
DT  "H1'"  H N N 191 
DT  H3     H N N 192 
DT  H71    H N N 193 
DT  H72    H N N 194 
DT  H73    H N N 195 
DT  H6     H N N 196 
# 
loop_
_chem_comp_bond.comp_id 
_chem_comp_bond.atom_id_1 
_chem_comp_bond.atom_id_2 
_chem_comp_bond.value_order 
_chem_comp_bond.pdbx_aromatic_flag 
_chem_comp_bond.pdbx_stereo_config 
_chem_comp_bond.pdbx_ordinal 
ABS P     OP1    doub N N 1   
ABS P     OP2    sing N N 2   
ABS P     "O5'"  sing N N 3   
ABS P     OP3    sing N N 4   
ABS OP2   HOP2   sing N N 5   
ABS "O5'" "C5'"  sing N N 6   
ABS "C5'" "C4'"  sing N N 7   
ABS "C5'" "H5'"  sing N N 8   
ABS "C5'" "H5''" sing N N 9   
ABS "C4'" "O4'"  sing N N 10  
ABS "C4'" "C3'"  sing N N 11  
ABS "C4'" "H4'"  sing N N 12  
ABS "O4'" "C1'"  sing N N 13  
ABS "C1'" N9     sing N N 14  
ABS "C1'" "C2'"  sing N N 15  
ABS "C1'" "H1'"  sing N N 16  
ABS N9    C4     sing Y N 17  
ABS N9    C8     sing Y N 18  
ABS C4    N3     doub Y N 19  
ABS C4    C5     sing Y N 20  
ABS N3    C2     sing Y N 21  
ABS C2    N1     doub Y N 22  
ABS C2    H2     sing N N 23  
ABS N1    C6     sing Y N 24  
ABS C6    N6     sing N N 25  
ABS C6    C5     doub Y N 26  
ABS N6    CB     sing N N 27  
ABS N6    H6     sing N N 28  
ABS CA    OA     sing N N 29  
ABS CA    CB     sing N N 30  
ABS CA    CS6    sing N N 31  
ABS CA    HA     sing N N 32  
ABS OA    HOA    sing N N 33  
ABS CB    HB1    sing N N 34  
ABS CB    HB2    sing N N 35  
ABS CS6   CS1    doub Y N 36  
ABS CS6   CS5    sing Y N 37  
ABS CS1   CS2    sing Y N 38  
ABS CS1   HS1    sing N N 39  
ABS CS5   CS4    doub Y N 40  
ABS CS5   HS5    sing N N 41  
ABS CS2   CS3    doub Y N 42  
ABS CS2   HS2    sing N N 43  
ABS CS4   CS3    sing Y N 44  
ABS CS4   HS4    sing N N 45  
ABS CS3   HS3    sing N N 46  
ABS C5    N7     sing Y N 47  
ABS N7    C8     doub Y N 48  
ABS C8    H8     sing N N 49  
ABS "C2'" "C3'"  sing N N 50  
ABS "C2'" "H2'"  sing N N 51  
ABS "C2'" "H2''" sing N N 52  
ABS "C3'" "O3'"  sing N N 53  
ABS "C3'" "H3'"  sing N N 54  
ABS "O3'" "HO3'" sing N N 55  
ABS OP3   HOP3   sing N N 56  
DA  OP3   P      sing N N 57  
DA  OP3   HOP3   sing N N 58  
DA  P     OP1    doub N N 59  
DA  P     OP2    sing N N 60  
DA  P     "O5'"  sing N N 61  
DA  OP2   HOP2   sing N N 62  
DA  "O5'" "C5'"  sing N N 63  
DA  "C5'" "C4'"  sing N N 64  
DA  "C5'" "H5'"  sing N N 65  
DA  "C5'" "H5''" sing N N 66  
DA  "C4'" "O4'"  sing N N 67  
DA  "C4'" "C3'"  sing N N 68  
DA  "C4'" "H4'"  sing N N 69  
DA  "O4'" "C1'"  sing N N 70  
DA  "C3'" "O3'"  sing N N 71  
DA  "C3'" "C2'"  sing N N 72  
DA  "C3'" "H3'"  sing N N 73  
DA  "O3'" "HO3'" sing N N 74  
DA  "C2'" "C1'"  sing N N 75  
DA  "C2'" "H2'"  sing N N 76  
DA  "C2'" "H2''" sing N N 77  
DA  "C1'" N9     sing N N 78  
DA  "C1'" "H1'"  sing N N 79  
DA  N9    C8     sing Y N 80  
DA  N9    C4     sing Y N 81  
DA  C8    N7     doub Y N 82  
DA  C8    H8     sing N N 83  
DA  N7    C5     sing Y N 84  
DA  C5    C6     sing Y N 85  
DA  C5    C4     doub Y N 86  
DA  C6    N6     sing N N 87  
DA  C6    N1     doub Y N 88  
DA  N6    H61    sing N N 89  
DA  N6    H62    sing N N 90  
DA  N1    C2     sing Y N 91  
DA  C2    N3     doub Y N 92  
DA  C2    H2     sing N N 93  
DA  N3    C4     sing Y N 94  
DC  OP3   P      sing N N 95  
DC  OP3   HOP3   sing N N 96  
DC  P     OP1    doub N N 97  
DC  P     OP2    sing N N 98  
DC  P     "O5'"  sing N N 99  
DC  OP2   HOP2   sing N N 100 
DC  "O5'" "C5'"  sing N N 101 
DC  "C5'" "C4'"  sing N N 102 
DC  "C5'" "H5'"  sing N N 103 
DC  "C5'" "H5''" sing N N 104 
DC  "C4'" "O4'"  sing N N 105 
DC  "C4'" "C3'"  sing N N 106 
DC  "C4'" "H4'"  sing N N 107 
DC  "O4'" "C1'"  sing N N 108 
DC  "C3'" "O3'"  sing N N 109 
DC  "C3'" "C2'"  sing N N 110 
DC  "C3'" "H3'"  sing N N 111 
DC  "O3'" "HO3'" sing N N 112 
DC  "C2'" "C1'"  sing N N 113 
DC  "C2'" "H2'"  sing N N 114 
DC  "C2'" "H2''" sing N N 115 
DC  "C1'" N1     sing N N 116 
DC  "C1'" "H1'"  sing N N 117 
DC  N1    C2     sing N N 118 
DC  N1    C6     sing N N 119 
DC  C2    O2     doub N N 120 
DC  C2    N3     sing N N 121 
DC  N3    C4     doub N N 122 
DC  C4    N4     sing N N 123 
DC  C4    C5     sing N N 124 
DC  N4    H41    sing N N 125 
DC  N4    H42    sing N N 126 
DC  C5    C6     doub N N 127 
DC  C5    H5     sing N N 128 
DC  C6    H6     sing N N 129 
DG  OP3   P      sing N N 130 
DG  OP3   HOP3   sing N N 131 
DG  P     OP1    doub N N 132 
DG  P     OP2    sing N N 133 
DG  P     "O5'"  sing N N 134 
DG  OP2   HOP2   sing N N 135 
DG  "O5'" "C5'"  sing N N 136 
DG  "C5'" "C4'"  sing N N 137 
DG  "C5'" "H5'"  sing N N 138 
DG  "C5'" "H5''" sing N N 139 
DG  "C4'" "O4'"  sing N N 140 
DG  "C4'" "C3'"  sing N N 141 
DG  "C4'" "H4'"  sing N N 142 
DG  "O4'" "C1'"  sing N N 143 
DG  "C3'" "O3'"  sing N N 144 
DG  "C3'" "C2'"  sing N N 145 
DG  "C3'" "H3'"  sing N N 146 
DG  "O3'" "HO3'" sing N N 147 
DG  "C2'" "C1'"  sing N N 148 
DG  "C2'" "H2'"  sing N N 149 
DG  "C2'" "H2''" sing N N 150 
DG  "C1'" N9     sing N N 151 
DG  "C1'" "H1'"  sing N N 152 
DG  N9    C8     sing Y N 153 
DG  N9    C4     sing Y N 154 
DG  C8    N7     doub Y N 155 
DG  C8    H8     sing N N 156 
DG  N7    C5     sing Y N 157 
DG  C5    C6     sing N N 158 
DG  C5    C4     doub Y N 159 
DG  C6    O6     doub N N 160 
DG  C6    N1     sing N N 161 
DG  N1    C2     sing N N 162 
DG  N1    H1     sing N N 163 
DG  C2    N2     sing N N 164 
DG  C2    N3     doub N N 165 
DG  N2    H21    sing N N 166 
DG  N2    H22    sing N N 167 
DG  N3    C4     sing N N 168 
DT  OP3   P      sing N N 169 
DT  OP3   HOP3   sing N N 170 
DT  P     OP1    doub N N 171 
DT  P     OP2    sing N N 172 
DT  P     "O5'"  sing N N 173 
DT  OP2   HOP2   sing N N 174 
DT  "O5'" "C5'"  sing N N 175 
DT  "C5'" "C4'"  sing N N 176 
DT  "C5'" "H5'"  sing N N 177 
DT  "C5'" "H5''" sing N N 178 
DT  "C4'" "O4'"  sing N N 179 
DT  "C4'" "C3'"  sing N N 180 
DT  "C4'" "H4'"  sing N N 181 
DT  "O4'" "C1'"  sing N N 182 
DT  "C3'" "O3'"  sing N N 183 
DT  "C3'" "C2'"  sing N N 184 
DT  "C3'" "H3'"  sing N N 185 
DT  "O3'" "HO3'" sing N N 186 
DT  "C2'" "C1'"  sing N N 187 
DT  "C2'" "H2'"  sing N N 188 
DT  "C2'" "H2''" sing N N 189 
DT  "C1'" N1     sing N N 190 
DT  "C1'" "H1'"  sing N N 191 
DT  N1    C2     sing N N 192 
DT  N1    C6     sing N N 193 
DT  C2    O2     doub N N 194 
DT  C2    N3     sing N N 195 
DT  N3    C4     sing N N 196 
DT  N3    H3     sing N N 197 
DT  C4    O4     doub N N 198 
DT  C4    C5     sing N N 199 
DT  C5    C7     sing N N 200 
DT  C5    C6     doub N N 201 
DT  C7    H71    sing N N 202 
DT  C7    H72    sing N N 203 
DT  C7    H73    sing N N 204 
DT  C6    H6     sing N N 205 
# 
loop_
_ndb_struct_conf_na.entry_id 
_ndb_struct_conf_na.feature 
1K5F 'double helix'        
1K5F 'b-form double helix' 
# 
loop_
_ndb_struct_na_base_pair.model_number 
_ndb_struct_na_base_pair.i_label_asym_id 
_ndb_struct_na_base_pair.i_label_comp_id 
_ndb_struct_na_base_pair.i_label_seq_id 
_ndb_struct_na_base_pair.i_symmetry 
_ndb_struct_na_base_pair.j_label_asym_id 
_ndb_struct_na_base_pair.j_label_comp_id 
_ndb_struct_na_base_pair.j_label_seq_id 
_ndb_struct_na_base_pair.j_symmetry 
_ndb_struct_na_base_pair.shear 
_ndb_struct_na_base_pair.stretch 
_ndb_struct_na_base_pair.stagger 
_ndb_struct_na_base_pair.buckle 
_ndb_struct_na_base_pair.propeller 
_ndb_struct_na_base_pair.opening 
_ndb_struct_na_base_pair.pair_number 
_ndb_struct_na_base_pair.pair_name 
_ndb_struct_na_base_pair.i_auth_asym_id 
_ndb_struct_na_base_pair.i_auth_seq_id 
_ndb_struct_na_base_pair.i_PDB_ins_code 
_ndb_struct_na_base_pair.j_auth_asym_id 
_ndb_struct_na_base_pair.j_auth_seq_id 
_ndb_struct_na_base_pair.j_PDB_ins_code 
_ndb_struct_na_base_pair.hbond_type_28 
_ndb_struct_na_base_pair.hbond_type_12 
1 A DC  1  1_555 B DG 11 1_555 0.111  -0.139 0.058  3.639   -11.299 -4.564 1  A_DC1:DG22_B  A 1  ? B 22 ? 19 1 
1 A DG  2  1_555 B DC 10 1_555 -0.259 -0.114 -0.111 0.404   -7.442  0.867  2  A_DG2:DC21_B  A 2  ? B 21 ? 19 1 
1 A DG  3  1_555 B DC 9  1_555 -0.236 -0.089 -0.026 1.287   -8.346  -0.647 3  A_DG3:DC20_B  A 3  ? B 20 ? 19 1 
1 A DA  4  1_555 B DT 8  1_555 0.049  -0.156 0.541  -7.511  -2.359  -3.997 4  A_DA4:DT19_B  A 4  ? B 19 ? 20 1 
1 A DC  5  1_555 B DG 7  1_555 0.330  -0.125 0.183  4.096   -1.797  1.312  5  A_DC5:DG18_B  A 5  ? B 18 ? 19 1 
1 A ABS 6  1_555 B DT 6  1_555 -0.066 -0.173 0.188  7.038   -4.866  0.416  6  A_ABS6:DT17_B A 6  ? B 17 ? 20 1 
1 A DA  7  1_555 B DT 5  1_555 -0.046 -0.102 -0.006 6.391   -12.408 0.050  7  A_DA7:DT16_B  A 7  ? B 16 ? 20 1 
1 A DG  8  1_555 B DC 4  1_555 -0.040 -0.164 0.088  8.888   -11.468 -0.808 8  A_DG8:DC15_B  A 8  ? B 15 ? 19 1 
1 A DA  9  1_555 B DT 3  1_555 -0.114 -0.153 0.190  0.839   -10.906 0.910  9  A_DA9:DT14_B  A 9  ? B 14 ? 20 1 
1 A DA  10 1_555 B DT 2  1_555 0.102  -0.095 0.035  -6.171  -6.885  -1.582 10 A_DA10:DT13_B A 10 ? B 13 ? 20 1 
1 A DG  11 1_555 B DC 1  1_555 0.024  -0.095 -0.526 -17.177 -8.300  -3.894 11 A_DG11:DC12_B A 11 ? B 12 ? 19 1 
# 
loop_
_ndb_struct_na_base_pair_step.model_number 
_ndb_struct_na_base_pair_step.i_label_asym_id_1 
_ndb_struct_na_base_pair_step.i_label_comp_id_1 
_ndb_struct_na_base_pair_step.i_label_seq_id_1 
_ndb_struct_na_base_pair_step.i_symmetry_1 
_ndb_struct_na_base_pair_step.j_label_asym_id_1 
_ndb_struct_na_base_pair_step.j_label_comp_id_1 
_ndb_struct_na_base_pair_step.j_label_seq_id_1 
_ndb_struct_na_base_pair_step.j_symmetry_1 
_ndb_struct_na_base_pair_step.i_label_asym_id_2 
_ndb_struct_na_base_pair_step.i_label_comp_id_2 
_ndb_struct_na_base_pair_step.i_label_seq_id_2 
_ndb_struct_na_base_pair_step.i_symmetry_2 
_ndb_struct_na_base_pair_step.j_label_asym_id_2 
_ndb_struct_na_base_pair_step.j_label_comp_id_2 
_ndb_struct_na_base_pair_step.j_label_seq_id_2 
_ndb_struct_na_base_pair_step.j_symmetry_2 
_ndb_struct_na_base_pair_step.shift 
_ndb_struct_na_base_pair_step.slide 
_ndb_struct_na_base_pair_step.rise 
_ndb_struct_na_base_pair_step.tilt 
_ndb_struct_na_base_pair_step.roll 
_ndb_struct_na_base_pair_step.twist 
_ndb_struct_na_base_pair_step.x_displacement 
_ndb_struct_na_base_pair_step.y_displacement 
_ndb_struct_na_base_pair_step.helical_rise 
_ndb_struct_na_base_pair_step.inclination 
_ndb_struct_na_base_pair_step.tip 
_ndb_struct_na_base_pair_step.helical_twist 
_ndb_struct_na_base_pair_step.step_number 
_ndb_struct_na_base_pair_step.step_name 
_ndb_struct_na_base_pair_step.i_auth_asym_id_1 
_ndb_struct_na_base_pair_step.i_auth_seq_id_1 
_ndb_struct_na_base_pair_step.i_PDB_ins_code_1 
_ndb_struct_na_base_pair_step.j_auth_asym_id_1 
_ndb_struct_na_base_pair_step.j_auth_seq_id_1 
_ndb_struct_na_base_pair_step.j_PDB_ins_code_1 
_ndb_struct_na_base_pair_step.i_auth_asym_id_2 
_ndb_struct_na_base_pair_step.i_auth_seq_id_2 
_ndb_struct_na_base_pair_step.i_PDB_ins_code_2 
_ndb_struct_na_base_pair_step.j_auth_asym_id_2 
_ndb_struct_na_base_pair_step.j_auth_seq_id_2 
_ndb_struct_na_base_pair_step.j_PDB_ins_code_2 
1 A DC  1  1_555 B DG 11 1_555 A DG  2  1_555 B DC 10 1_555 0.184  0.093  3.329 3.226  15.561 35.939 -1.782 0.123  3.112 23.837  
-4.942 39.190 1  AA_DC1DG2:DC21DG22_BB   A 1  ? B 22 ? A 2  ? B 21 ? 
1 A DG  2  1_555 B DC 10 1_555 A DG  3  1_555 B DC 9  1_555 0.057  -0.470 3.182 -5.146 4.334  32.135 -1.549 -0.952 3.049 7.724   
9.171  32.814 2  AA_DG2DG3:DC20DC21_BB   A 2  ? B 21 ? A 3  ? B 20 ? 
1 A DG  3  1_555 B DC 9  1_555 A DA  4  1_555 B DT 8  1_555 -0.422 -0.863 3.173 -5.851 1.942  36.716 -1.603 -0.097 3.153 3.056   
9.208  37.212 3  AA_DG3DA4:DT19DC20_BB   A 3  ? B 20 ? A 4  ? B 19 ? 
1 A DA  4  1_555 B DT 8  1_555 A DC  5  1_555 B DG 7  1_555 0.488  -0.505 2.901 2.805  1.164  33.871 -1.029 -0.436 2.912 1.993   
-4.802 34.003 4  AA_DA4DC5:DG18DT19_BB   A 4  ? B 19 ? A 5  ? B 18 ? 
1 A DC  5  1_555 B DG 7  1_555 A ABS 6  1_555 B DT 6  1_555 0.059  -0.611 2.928 0.723  -3.707 37.019 -0.512 -0.006 2.974 -5.820  
-1.134 37.204 5  AA_DC5ABS6:DT17DG18_BB  A 5  ? B 18 ? A 6  ? B 17 ? 
1 A ABS 6  1_555 B DT 6  1_555 A DA  7  1_555 B DT 5  1_555 -0.523 -0.212 3.179 -0.025 0.929  37.920 -0.441 0.802  3.174 1.430   
0.038  37.931 6  AA_ABS6DA7:DT16DT17_BB  A 6  ? B 17 ? A 7  ? B 16 ? 
1 A DA  7  1_555 B DT 5  1_555 A DG  8  1_555 B DC 4  1_555 -0.154 -0.447 2.939 -2.623 11.066 33.855 -2.144 -0.083 2.671 18.371  
4.354  35.661 7  AA_DA7DG8:DC15DT16_BB   A 7  ? B 16 ? A 8  ? B 15 ? 
1 A DG  8  1_555 B DC 4  1_555 A DA  9  1_555 B DT 3  1_555 0.082  -0.670 3.016 -1.085 1.080  38.335 -1.144 -0.250 2.993 1.644   
1.652  38.365 8  AA_DG8DA9:DT14DC15_BB   A 8  ? B 15 ? A 9  ? B 14 ? 
1 A DA  9  1_555 B DT 3  1_555 A DA  10 1_555 B DT 2  1_555 0.052  -0.761 3.357 1.283  -8.315 36.106 -0.022 0.099  3.442 -13.195 
-2.036 37.041 9  AA_DA9DA10:DT13DT14_BB  A 9  ? B 14 ? A 10 ? B 13 ? 
1 A DA  10 1_555 B DT 2  1_555 A DG  11 1_555 B DC 1  1_555 -0.924 -0.059 3.491 -1.632 7.378  37.963 -1.061 1.180  3.455 11.205  
2.479  38.681 10 AA_DA10DG11:DC12DT13_BB A 10 ? B 13 ? A 11 ? B 12 ? 
# 
_pdbx_nmr_spectrometer.spectrometer_id   1 
_pdbx_nmr_spectrometer.type              ? 
_pdbx_nmr_spectrometer.manufacturer      Bruker 
_pdbx_nmr_spectrometer.model             DRX 
_pdbx_nmr_spectrometer.field_strength    500 
# 
_atom_sites.entry_id                    1K5F 
_atom_sites.fract_transf_matrix[1][1]   1.000000 
_atom_sites.fract_transf_matrix[1][2]   0.000000 
_atom_sites.fract_transf_matrix[1][3]   0.000000 
_atom_sites.fract_transf_matrix[2][1]   0.000000 
_atom_sites.fract_transf_matrix[2][2]   1.000000 
_atom_sites.fract_transf_matrix[2][3]   0.000000 
_atom_sites.fract_transf_matrix[3][1]   0.000000 
_atom_sites.fract_transf_matrix[3][2]   0.000000 
_atom_sites.fract_transf_matrix[3][3]   1.000000 
_atom_sites.fract_transf_vector[1]      0.00000 
_atom_sites.fract_transf_vector[2]      0.00000 
_atom_sites.fract_transf_vector[3]      0.00000 
# 
loop_
_atom_type.symbol 
C 
H 
N 
O 
P 
# 
loop_
_atom_site.group_PDB 
_atom_site.id 
_atom_site.type_symbol 
_atom_site.label_atom_id 
_atom_site.label_alt_id 
_atom_site.label_comp_id 
_atom_site.label_asym_id 
_atom_site.label_entity_id 
_atom_site.label_seq_id 
_atom_site.pdbx_PDB_ins_code 
_atom_site.Cartn_x 
_atom_site.Cartn_y 
_atom_site.Cartn_z 
_atom_site.occupancy 
_atom_site.B_iso_or_equiv 
_atom_site.pdbx_formal_charge 
_atom_site.auth_seq_id 
_atom_site.auth_comp_id 
_atom_site.auth_asym_id 
_atom_site.auth_atom_id 
_atom_site.pdbx_PDB_model_num 
ATOM   1   O "O5'"  . DC  A 1 1  ? -5.567  6.704   -15.498 1.00 0.47 ? 1  DC  A "O5'"  1 
ATOM   2   C "C5'"  . DC  A 1 1  ? -6.709  7.460   -15.915 1.00 0.55 ? 1  DC  A "C5'"  1 
ATOM   3   C "C4'"  . DC  A 1 1  ? -8.015  6.753   -15.557 1.00 0.58 ? 1  DC  A "C4'"  1 
ATOM   4   O "O4'"  . DC  A 1 1  ? -8.069  5.422   -16.146 1.00 0.57 ? 1  DC  A "O4'"  1 
ATOM   5   C "C3'"  . DC  A 1 1  ? -8.153  6.566   -14.052 1.00 0.56 ? 1  DC  A "C3'"  1 
ATOM   6   O "O3'"  . DC  A 1 1  ? -9.500  6.763   -13.615 1.00 0.61 ? 1  DC  A "O3'"  1 
ATOM   7   C "C2'"  . DC  A 1 1  ? -7.704  5.157   -13.840 1.00 0.51 ? 1  DC  A "C2'"  1 
ATOM   8   C "C1'"  . DC  A 1 1  ? -8.122  4.432   -15.086 1.00 0.53 ? 1  DC  A "C1'"  1 
ATOM   9   N N1     . DC  A 1 1  ? -7.192  3.321   -15.357 1.00 0.48 ? 1  DC  A N1     1 
ATOM   10  C C2     . DC  A 1 1  ? -7.680  2.018   -15.322 1.00 0.48 ? 1  DC  A C2     1 
ATOM   11  O O2     . DC  A 1 1  ? -8.866  1.797   -15.070 1.00 0.51 ? 1  DC  A O2     1 
ATOM   12  N N3     . DC  A 1 1  ? -6.806  1.002   -15.568 1.00 0.43 ? 1  DC  A N3     1 
ATOM   13  C C4     . DC  A 1 1  ? -5.516  1.252   -15.837 1.00 0.40 ? 1  DC  A C4     1 
ATOM   14  N N4     . DC  A 1 1  ? -4.684  0.240   -16.075 1.00 0.37 ? 1  DC  A N4     1 
ATOM   15  C C5     . DC  A 1 1  ? -5.017  2.590   -15.871 1.00 0.41 ? 1  DC  A C5     1 
ATOM   16  C C6     . DC  A 1 1  ? -5.883  3.584   -15.627 1.00 0.45 ? 1  DC  A C6     1 
ATOM   17  H "H5'"  . DC  A 1 1  ? -6.667  7.597   -16.996 1.00 0.58 ? 1  DC  A "H5'"  1 
ATOM   18  H "H5''" . DC  A 1 1  ? -6.687  8.436   -15.431 1.00 0.56 ? 1  DC  A "H5''" 1 
ATOM   19  H "H4'"  . DC  A 1 1  ? -8.856  7.338   -15.927 1.00 0.63 ? 1  DC  A "H4'"  1 
ATOM   20  H "H3'"  . DC  A 1 1  ? -7.481  7.247   -13.526 1.00 0.54 ? 1  DC  A "H3'"  1 
ATOM   21  H "H2'"  . DC  A 1 1  ? -6.626  5.111   -13.713 1.00 0.46 ? 1  DC  A "H2'"  1 
ATOM   22  H "H2''" . DC  A 1 1  ? -8.205  4.725   -12.987 1.00 0.51 ? 1  DC  A "H2''" 1 
ATOM   23  H "H1'"  . DC  A 1 1  ? -9.132  4.058   -14.967 1.00 0.56 ? 1  DC  A "H1'"  1 
ATOM   24  H H41    . DC  A 1 1  ? -5.024  -0.711  -16.054 1.00 0.37 ? 1  DC  A H41    1 
ATOM   25  H H42    . DC  A 1 1  ? -3.712  0.425   -16.277 1.00 0.35 ? 1  DC  A H42    1 
ATOM   26  H H5     . DC  A 1 1  ? -3.970  2.795   -16.088 1.00 0.38 ? 1  DC  A H5     1 
ATOM   27  H H6     . DC  A 1 1  ? -5.538  4.617   -15.640 1.00 0.45 ? 1  DC  A H6     1 
ATOM   28  H "HO5'" . DC  A 1 1  ? -5.715  6.443   -14.587 1.00 0.50 ? 1  DC  A "HO5'" 1 
ATOM   29  P P      . DG  A 1 2  ? -9.873  6.619   -12.056 1.00 0.62 ? 2  DG  A P      1 
ATOM   30  O OP1    . DG  A 1 2  ? -11.152 7.324   -11.816 1.00 1.49 ? 2  DG  A OP1    1 
ATOM   31  O OP2    . DG  A 1 2  ? -8.677  6.965   -11.254 1.00 1.36 ? 2  DG  A OP2    1 
ATOM   32  O "O5'"  . DG  A 1 2  ? -10.128 5.038   -11.917 1.00 0.59 ? 2  DG  A "O5'"  1 
ATOM   33  C "C5'"  . DG  A 1 2  ? -11.424 4.535   -11.598 1.00 0.63 ? 2  DG  A "C5'"  1 
ATOM   34  C "C4'"  . DG  A 1 2  ? -11.341 3.429   -10.560 1.00 0.60 ? 2  DG  A "C4'"  1 
ATOM   35  O "O4'"  . DG  A 1 2  ? -10.484 2.352   -11.011 1.00 0.54 ? 2  DG  A "O4'"  1 
ATOM   36  C "C3'"  . DG  A 1 2  ? -10.771 3.934   -9.246  1.00 0.58 ? 2  DG  A "C3'"  1 
ATOM   37  O "O3'"  . DG  A 1 2  ? -11.491 3.382   -8.136  1.00 0.61 ? 2  DG  A "O3'"  1 
ATOM   38  C "C2'"  . DG  A 1 2  ? -9.341  3.497   -9.302  1.00 0.51 ? 2  DG  A "C2'"  1 
ATOM   39  C "C1'"  . DG  A 1 2  ? -9.380  2.206   -10.091 1.00 0.49 ? 2  DG  A "C1'"  1 
ATOM   40  N N9     . DG  A 1 2  ? -8.127  1.999   -10.841 1.00 0.44 ? 2  DG  A N9     1 
ATOM   41  C C8     . DG  A 1 2  ? -7.232  2.915   -11.287 1.00 0.42 ? 2  DG  A C8     1 
ATOM   42  N N7     . DG  A 1 2  ? -6.206  2.482   -11.943 1.00 0.37 ? 2  DG  A N7     1 
ATOM   43  C C5     . DG  A 1 2  ? -6.431  1.103   -11.944 1.00 0.36 ? 2  DG  A C5     1 
ATOM   44  C C6     . DG  A 1 2  ? -5.657  0.055   -12.509 1.00 0.31 ? 2  DG  A C6     1 
ATOM   45  O O6     . DG  A 1 2  ? -4.598  0.136   -13.129 1.00 0.28 ? 2  DG  A O6     1 
ATOM   46  N N1     . DG  A 1 2  ? -6.240  -1.188  -12.283 1.00 0.31 ? 2  DG  A N1     1 
ATOM   47  C C2     . DG  A 1 2  ? -7.421  -1.400  -11.599 1.00 0.35 ? 2  DG  A C2     1 
ATOM   48  N N2     . DG  A 1 2  ? -7.816  -2.667  -11.488 1.00 0.35 ? 2  DG  A N2     1 
ATOM   49  N N3     . DG  A 1 2  ? -8.154  -0.421  -11.065 1.00 0.40 ? 2  DG  A N3     1 
ATOM   50  C C4     . DG  A 1 2  ? -7.607  0.799   -11.271 1.00 0.40 ? 2  DG  A C4     1 
ATOM   51  H "H5'"  . DG  A 1 2  ? -11.886 4.139   -12.501 1.00 0.65 ? 2  DG  A "H5'"  1 
ATOM   52  H "H5''" . DG  A 1 2  ? -12.040 5.345   -11.207 1.00 0.68 ? 2  DG  A "H5''" 1 
ATOM   53  H "H4'"  . DG  A 1 2  ? -12.327 3.028   -10.380 1.00 0.64 ? 2  DG  A "H4'"  1 
ATOM   54  H "H3'"  . DG  A 1 2  ? -10.813 5.025   -9.225  1.00 0.61 ? 2  DG  A "H3'"  1 
ATOM   55  H "H2'"  . DG  A 1 2  ? -8.742  4.246   -9.814  1.00 0.50 ? 2  DG  A "H2'"  1 
ATOM   56  H "H2''" . DG  A 1 2  ? -8.953  3.318   -8.297  1.00 0.50 ? 2  DG  A "H2''" 1 
ATOM   57  H "H1'"  . DG  A 1 2  ? -9.568  1.366   -9.426  1.00 0.49 ? 2  DG  A "H1'"  1 
ATOM   58  H H8     . DG  A 1 2  ? -7.379  3.983   -11.103 1.00 0.44 ? 2  DG  A H8     1 
ATOM   59  H H1     . DG  A 1 2  ? -5.745  -1.984  -12.654 1.00 0.28 ? 2  DG  A H1     1 
ATOM   60  H H21    . DG  A 1 2  ? -7.258  -3.407  -11.891 1.00 0.31 ? 2  DG  A H21    1 
ATOM   61  H H22    . DG  A 1 2  ? -8.672  -2.887  -10.999 1.00 0.38 ? 2  DG  A H22    1 
ATOM   62  P P      . DG  A 1 3  ? -10.942 3.467   -6.625  1.00 0.61 ? 3  DG  A P      1 
ATOM   63  O OP1    . DG  A 1 3  ? -12.093 3.722   -5.729  1.00 1.49 ? 3  DG  A OP1    1 
ATOM   64  O OP2    . DG  A 1 3  ? -9.765  4.365   -6.591  1.00 1.36 ? 3  DG  A OP2    1 
ATOM   65  O "O5'"  . DG  A 1 3  ? -10.442 1.960   -6.383  1.00 0.54 ? 3  DG  A "O5'"  1 
ATOM   66  C "C5'"  . DG  A 1 3  ? -11.267 0.865   -6.795  1.00 0.54 ? 3  DG  A "C5'"  1 
ATOM   67  C "C4'"  . DG  A 1 3  ? -10.532 -0.462  -6.701  1.00 0.49 ? 3  DG  A "C4'"  1 
ATOM   68  O "O4'"  . DG  A 1 3  ? -9.537  -0.554  -7.744  1.00 0.43 ? 3  DG  A "O4'"  1 
ATOM   69  C "C3'"  . DG  A 1 3  ? -9.808  -0.581  -5.360  1.00 0.49 ? 3  DG  A "C3'"  1 
ATOM   70  O "O3'"  . DG  A 1 3  ? -10.195 -1.776  -4.669  1.00 0.51 ? 3  DG  A "O3'"  1 
ATOM   71  C "C2'"  . DG  A 1 3  ? -8.354  -0.575  -5.738  1.00 0.43 ? 3  DG  A "C2'"  1 
ATOM   72  C "C1'"  . DG  A 1 3  ? -8.337  -1.071  -7.163  1.00 0.38 ? 3  DG  A "C1'"  1 
ATOM   73  N N9     . DG  A 1 3  ? -7.186  -0.511  -7.877  1.00 0.33 ? 3  DG  A N9     1 
ATOM   74  C C8     . DG  A 1 3  ? -6.880  0.790   -8.067  1.00 0.33 ? 3  DG  A C8     1 
ATOM   75  N N7     . DG  A 1 3  ? -5.810  1.062   -8.738  1.00 0.28 ? 3  DG  A N7     1 
ATOM   76  C C5     . DG  A 1 3  ? -5.334  -0.219  -9.040  1.00 0.25 ? 3  DG  A C5     1 
ATOM   77  C C6     . DG  A 1 3  ? -4.180  -0.613  -9.766  1.00 0.20 ? 3  DG  A C6     1 
ATOM   78  O O6     . DG  A 1 3  ? -3.332  0.102   -10.297 1.00 0.17 ? 3  DG  A O6     1 
ATOM   79  N N1     . DG  A 1 3  ? -4.071  -1.997  -9.839  1.00 0.18 ? 3  DG  A N1     1 
ATOM   80  C C2     . DG  A 1 3  ? -4.962  -2.896  -9.282  1.00 0.22 ? 3  DG  A C2     1 
ATOM   81  N N2     . DG  A 1 3  ? -4.689  -4.190  -9.456  1.00 0.20 ? 3  DG  A N2     1 
ATOM   82  N N3     . DG  A 1 3  ? -6.050  -2.533  -8.598  1.00 0.27 ? 3  DG  A N3     1 
ATOM   83  C C4     . DG  A 1 3  ? -6.176  -1.190  -8.514  1.00 0.28 ? 3  DG  A C4     1 
ATOM   84  H "H5'"  . DG  A 1 3  ? -11.565 1.025   -7.830  1.00 0.54 ? 3  DG  A "H5'"  1 
ATOM   85  H "H5''" . DG  A 1 3  ? -12.155 0.831   -6.164  1.00 0.59 ? 3  DG  A "H5''" 1 
ATOM   86  H "H4'"  . DG  A 1 3  ? -11.242 -1.281  -6.805  1.00 0.51 ? 3  DG  A "H4'"  1 
ATOM   87  H "H3'"  . DG  A 1 3  ? -10.023 0.300   -4.751  1.00 0.53 ? 3  DG  A "H3'"  1 
ATOM   88  H "H2'"  . DG  A 1 3  ? -7.955  0.438   -5.681  1.00 0.43 ? 3  DG  A "H2'"  1 
ATOM   89  H "H2''" . DG  A 1 3  ? -7.789  -1.243  -5.094  1.00 0.42 ? 3  DG  A "H2''" 1 
ATOM   90  H "H1'"  . DG  A 1 3  ? -8.317  -2.160  -7.194  1.00 0.37 ? 3  DG  A "H1'"  1 
ATOM   91  H H8     . DG  A 1 3  ? -7.526  1.578   -7.667  1.00 0.36 ? 3  DG  A H8     1 
ATOM   92  H H1     . DG  A 1 3  ? -3.269  -2.352  -10.340 1.00 0.15 ? 3  DG  A H1     1 
ATOM   93  H H21    . DG  A 1 3  ? -3.866  -4.469  -9.972  1.00 0.16 ? 3  DG  A H21    1 
ATOM   94  H H22    . DG  A 1 3  ? -5.305  -4.891  -9.071  1.00 0.22 ? 3  DG  A H22    1 
ATOM   95  P P      . DA  A 1 4  ? -9.350  -2.329  -3.416  1.00 0.51 ? 4  DA  A P      1 
ATOM   96  O OP1    . DA  A 1 4  ? -10.238 -3.186  -2.600  1.00 1.35 ? 4  DA  A OP1    1 
ATOM   97  O OP2    . DA  A 1 4  ? -8.641  -1.190  -2.788  1.00 1.43 ? 4  DA  A OP2    1 
ATOM   98  O "O5'"  . DA  A 1 4  ? -8.262  -3.267  -4.139  1.00 0.44 ? 4  DA  A "O5'"  1 
ATOM   99  C "C5'"  . DA  A 1 4  ? -8.694  -4.360  -4.953  1.00 0.43 ? 4  DA  A "C5'"  1 
ATOM   100 C "C4'"  . DA  A 1 4  ? -7.595  -5.402  -5.132  1.00 0.39 ? 4  DA  A "C4'"  1 
ATOM   101 O "O4'"  . DA  A 1 4  ? -6.590  -4.962  -6.082  1.00 0.34 ? 4  DA  A "O4'"  1 
ATOM   102 C "C3'"  . DA  A 1 4  ? -6.883  -5.661  -3.819  1.00 0.41 ? 4  DA  A "C3'"  1 
ATOM   103 O "O3'"  . DA  A 1 4  ? -6.589  -7.052  -3.653  1.00 0.42 ? 4  DA  A "O3'"  1 
ATOM   104 C "C2'"  . DA  A 1 4  ? -5.630  -4.837  -3.923  1.00 0.38 ? 4  DA  A "C2'"  1 
ATOM   105 C "C1'"  . DA  A 1 4  ? -5.320  -4.796  -5.404  1.00 0.33 ? 4  DA  A "C1'"  1 
ATOM   106 N N9     . DA  A 1 4  ? -4.688  -3.520  -5.799  1.00 0.31 ? 4  DA  A N9     1 
ATOM   107 C C8     . DA  A 1 4  ? -5.166  -2.256  -5.706  1.00 0.31 ? 4  DA  A C8     1 
ATOM   108 N N7     . DA  A 1 4  ? -4.419  -1.300  -6.146  1.00 0.28 ? 4  DA  A N7     1 
ATOM   109 C C5     . DA  A 1 4  ? -3.297  -2.003  -6.591  1.00 0.26 ? 4  DA  A C5     1 
ATOM   110 C C6     . DA  A 1 4  ? -2.101  -1.595  -7.183  1.00 0.23 ? 4  DA  A C6     1 
ATOM   111 N N6     . DA  A 1 4  ? -1.820  -0.318  -7.438  1.00 0.21 ? 4  DA  A N6     1 
ATOM   112 N N1     . DA  A 1 4  ? -1.208  -2.548  -7.500  1.00 0.21 ? 4  DA  A N1     1 
ATOM   113 C C2     . DA  A 1 4  ? -1.474  -3.834  -7.246  1.00 0.23 ? 4  DA  A C2     1 
ATOM   114 N N3     . DA  A 1 4  ? -2.574  -4.330  -6.689  1.00 0.26 ? 4  DA  A N3     1 
ATOM   115 C C4     . DA  A 1 4  ? -3.452  -3.355  -6.383  1.00 0.27 ? 4  DA  A C4     1 
ATOM   116 H "H5'"  . DA  A 1 4  ? -8.988  -3.981  -5.932  1.00 0.41 ? 4  DA  A "H5'"  1 
ATOM   117 H "H5''" . DA  A 1 4  ? -9.555  -4.832  -4.482  1.00 0.46 ? 4  DA  A "H5''" 1 
ATOM   118 H "H4'"  . DA  A 1 4  ? -8.038  -6.330  -5.490  1.00 0.39 ? 4  DA  A "H4'"  1 
ATOM   119 H "H3'"  . DA  A 1 4  ? -7.495  -5.301  -2.988  1.00 0.45 ? 4  DA  A "H3'"  1 
ATOM   120 H "H2'"  . DA  A 1 4  ? -5.808  -3.831  -3.542  1.00 0.40 ? 4  DA  A "H2'"  1 
ATOM   121 H "H2''" . DA  A 1 4  ? -4.818  -5.313  -3.379  1.00 0.39 ? 4  DA  A "H2''" 1 
ATOM   122 H "H1'"  . DA  A 1 4  ? -4.659  -5.625  -5.662  1.00 0.31 ? 4  DA  A "H1'"  1 
ATOM   123 H H8     . DA  A 1 4  ? -6.144  -2.055  -5.279  1.00 0.34 ? 4  DA  A H8     1 
ATOM   124 H H61    . DA  A 1 4  ? -0.940  -0.068  -7.867  1.00 0.19 ? 4  DA  A H61    1 
ATOM   125 H H62    . DA  A 1 4  ? -2.488  0.403   -7.203  1.00 0.22 ? 4  DA  A H62    1 
ATOM   126 H H2     . DA  A 1 4  ? -0.704  -4.555  -7.520  1.00 0.22 ? 4  DA  A H2     1 
ATOM   127 P P      . DC  A 1 5  ? -5.902  -7.588  -2.300  1.00 0.44 ? 5  DC  A P      1 
ATOM   128 O OP1    . DC  A 1 5  ? -6.192  -9.034  -2.176  1.00 1.30 ? 5  DC  A OP1    1 
ATOM   129 O OP2    . DC  A 1 5  ? -6.258  -6.667  -1.198  1.00 1.42 ? 5  DC  A OP2    1 
ATOM   130 O "O5'"  . DC  A 1 5  ? -4.335  -7.411  -2.619  1.00 0.41 ? 5  DC  A "O5'"  1 
ATOM   131 C "C5'"  . DC  A 1 5  ? -3.680  -8.306  -3.524  1.00 0.40 ? 5  DC  A "C5'"  1 
ATOM   132 C "C4'"  . DC  A 1 5  ? -2.190  -8.010  -3.637  1.00 0.38 ? 5  DC  A "C4'"  1 
ATOM   133 O "O4'"  . DC  A 1 5  ? -1.954  -6.731  -4.288  1.00 0.34 ? 5  DC  A "O4'"  1 
ATOM   134 C "C3'"  . DC  A 1 5  ? -1.535  -7.945  -2.255  1.00 0.40 ? 5  DC  A "C3'"  1 
ATOM   135 O "O3'"  . DC  A 1 5  ? -0.364  -8.782  -2.228  1.00 0.41 ? 5  DC  A "O3'"  1 
ATOM   136 C "C2'"  . DC  A 1 5  ? -1.210  -6.481  -2.087  1.00 0.39 ? 5  DC  A "C2'"  1 
ATOM   137 C "C1'"  . DC  A 1 5  ? -1.005  -5.993  -3.499  1.00 0.35 ? 5  DC  A "C1'"  1 
ATOM   138 N N1     . DC  A 1 5  ? -1.238  -4.541  -3.621  1.00 0.34 ? 5  DC  A N1     1 
ATOM   139 C C2     . DC  A 1 5  ? -0.318  -3.815  -4.358  1.00 0.31 ? 5  DC  A C2     1 
ATOM   140 O O2     . DC  A 1 5  ? 0.648   -4.384  -4.863  1.00 0.30 ? 5  DC  A O2     1 
ATOM   141 N N3     . DC  A 1 5  ? -0.518  -2.476  -4.500  1.00 0.29 ? 5  DC  A N3     1 
ATOM   142 C C4     . DC  A 1 5  ? -1.581  -1.877  -3.942  1.00 0.31 ? 5  DC  A C4     1 
ATOM   143 N N4     . DC  A 1 5  ? -1.749  -0.562  -4.098  1.00 0.29 ? 5  DC  A N4     1 
ATOM   144 C C5     . DC  A 1 5  ? -2.532  -2.631  -3.180  1.00 0.34 ? 5  DC  A C5     1 
ATOM   145 C C6     . DC  A 1 5  ? -2.322  -3.947  -3.047  1.00 0.35 ? 5  DC  A C6     1 
ATOM   146 H "H5'"  . DC  A 1 5  ? -4.137  -8.212  -4.509  1.00 0.38 ? 5  DC  A "H5'"  1 
ATOM   147 H "H5''" . DC  A 1 5  ? -3.812  -9.326  -3.167  1.00 0.42 ? 5  DC  A "H5''" 1 
ATOM   148 H "H4'"  . DC  A 1 5  ? -1.716  -8.800  -4.220  1.00 0.37 ? 5  DC  A "H4'"  1 
ATOM   149 H "H3'"  . DC  A 1 5  ? -2.248  -8.260  -1.490  1.00 0.43 ? 5  DC  A "H3'"  1 
ATOM   150 H "H2'"  . DC  A 1 5  ? -2.050  -5.958  -1.625  1.00 0.41 ? 5  DC  A "H2'"  1 
ATOM   151 H "H2''" . DC  A 1 5  ? -0.310  -6.346  -1.497  1.00 0.41 ? 5  DC  A "H2''" 1 
ATOM   152 H "H1'"  . DC  A 1 5  ? 0.012   -6.226  -3.825  1.00 0.34 ? 5  DC  A "H1'"  1 
ATOM   153 H H41    . DC  A 1 5  ? -1.081  -0.027  -4.635  1.00 0.27 ? 5  DC  A H41    1 
ATOM   154 H H42    . DC  A 1 5  ? -2.546  -0.102  -3.681  1.00 0.30 ? 5  DC  A H42    1 
ATOM   155 H H5     . DC  A 1 5  ? -3.402  -2.161  -2.726  1.00 0.35 ? 5  DC  A H5     1 
ATOM   156 H H6     . DC  A 1 5  ? -3.022  -4.543  -2.468  1.00 0.38 ? 5  DC  A H6     1 
HETATM 157 P P      . ABS A 1 6  ? 0.799   -8.606  -1.124  1.00 0.44 ? 6  ABS A P      1 
HETATM 158 O OP1    . ABS A 1 6  ? 1.268   -9.953  -0.727  1.00 1.55 ? 6  ABS A OP1    1 
HETATM 159 O OP2    . ABS A 1 6  ? 0.335   -7.653  -0.091  1.00 1.15 ? 6  ABS A OP2    1 
HETATM 160 O "O5'"  . ABS A 1 6  ? 1.968   -7.901  -1.978  1.00 0.38 ? 6  ABS A "O5'"  1 
HETATM 161 C "C5'"  . ABS A 1 6  ? 2.493   -8.537  -3.149  1.00 0.36 ? 6  ABS A "C5'"  1 
HETATM 162 C "C4'"  . ABS A 1 6  ? 3.674   -7.764  -3.727  1.00 0.35 ? 6  ABS A "C4'"  1 
HETATM 163 O "O4'"  . ABS A 1 6  ? 3.277   -6.416  -4.093  1.00 0.33 ? 6  ABS A "O4'"  1 
HETATM 164 C "C1'"  . ABS A 1 6  ? 4.021   -5.471  -3.293  1.00 0.33 ? 6  ABS A "C1'"  1 
HETATM 165 N N9     . ABS A 1 6  ? 3.131   -4.384  -2.836  1.00 0.33 ? 6  ABS A N9     1 
HETATM 166 C C4     . ABS A 1 6  ? 3.197   -3.058  -3.199  1.00 0.31 ? 6  ABS A C4     1 
HETATM 167 N N3     . ABS A 1 6  ? 4.109   -2.508  -4.023  1.00 0.30 ? 6  ABS A N3     1 
HETATM 168 C C2     . ABS A 1 6  ? 3.907   -1.206  -4.175  1.00 0.29 ? 6  ABS A C2     1 
HETATM 169 N N1     . ABS A 1 6  ? 2.948   -0.473  -3.618  1.00 0.29 ? 6  ABS A N1     1 
HETATM 170 C C6     . ABS A 1 6  ? 2.024   -1.042  -2.781  1.00 0.30 ? 6  ABS A C6     1 
HETATM 171 N N6     . ABS A 1 6  ? 1.052   -0.268  -2.214  1.00 0.31 ? 6  ABS A N6     1 
HETATM 172 C CA     . ABS A 1 6  ? 0.000   0.000   0.000   1.00 0.32 ? 6  ABS A CA     1 
HETATM 173 O OA     . ABS A 1 6  ? -0.081  1.372   -0.356  1.00 0.26 ? 6  ABS A OA     1 
HETATM 174 C CB     . ABS A 1 6  ? 0.031   -0.838  -1.276  1.00 0.32 ? 6  ABS A CB     1 
HETATM 175 C CS6    . ABS A 1 6  ? -1.205  -0.355  0.838   1.00 0.33 ? 6  ABS A CS6    1 
HETATM 176 C CS1    . ABS A 1 6  ? -1.689  -1.672  0.885   1.00 0.38 ? 6  ABS A CS1    1 
HETATM 177 C CS5    . ABS A 1 6  ? -1.841  0.649   1.574   1.00 0.31 ? 6  ABS A CS5    1 
HETATM 178 C CS2    . ABS A 1 6  ? -2.809  -1.977  1.669   1.00 0.41 ? 6  ABS A CS2    1 
HETATM 179 C CS4    . ABS A 1 6  ? -2.959  0.346   2.355   1.00 0.33 ? 6  ABS A CS4    1 
HETATM 180 C CS3    . ABS A 1 6  ? -3.444  -0.968  2.405   1.00 0.38 ? 6  ABS A CS3    1 
HETATM 181 C C5     . ABS A 1 6  ? 2.154   -2.423  -2.555  1.00 0.32 ? 6  ABS A C5     1 
HETATM 182 N N7     . ABS A 1 6  ? 1.424   -3.335  -1.786  1.00 0.33 ? 6  ABS A N7     1 
HETATM 183 C C8     . ABS A 1 6  ? 2.060   -4.435  -2.011  1.00 0.34 ? 6  ABS A C8     1 
HETATM 184 C "C2'"  . ABS A 1 6  ? 4.585   -6.265  -2.135  1.00 0.35 ? 6  ABS A "C2'"  1 
HETATM 185 C "C3'"  . ABS A 1 6  ? 4.785   -7.641  -2.701  1.00 0.36 ? 6  ABS A "C3'"  1 
HETATM 186 O "O3'"  . ABS A 1 6  ? 6.064   -7.779  -3.335  1.00 0.36 ? 6  ABS A "O3'"  1 
HETATM 187 H "H5'"  . ABS A 1 6  ? 1.708   -8.600  -3.903  1.00 0.35 ? 6  ABS A "H5'"  1 
HETATM 188 H "H5''" . ABS A 1 6  ? 2.821   -9.544  -2.892  1.00 0.38 ? 6  ABS A "H5''" 1 
HETATM 189 H "H4'"  . ABS A 1 6  ? 4.051   -8.280  -4.604  1.00 0.35 ? 6  ABS A "H4'"  1 
HETATM 190 H "H1'"  . ABS A 1 6  ? 4.840   -5.052  -3.877  1.00 0.32 ? 6  ABS A "H1'"  1 
HETATM 191 H H2     . ABS A 1 6  ? 4.602   -0.681  -4.832  1.00 0.29 ? 6  ABS A H2     1 
HETATM 192 H H6     . ABS A 1 6  ? 1.025   0.720   -2.428  1.00 0.30 ? 6  ABS A H6     1 
HETATM 193 H HA     . ABS A 1 6  ? 0.900   -0.175  0.570   1.00 0.36 ? 6  ABS A HA     1 
HETATM 194 H HOA    . ABS A 1 6  ? 0.472   1.866   0.252   1.00 0.27 ? 6  ABS A HOA    1 
HETATM 195 H HB1    . ABS A 1 6  ? 0.270   -1.860  -1.035  1.00 0.36 ? 6  ABS A HB1    1 
HETATM 196 H HB2    . ABS A 1 6  ? -0.938  -0.797  -1.735  1.00 0.32 ? 6  ABS A HB2    1 
HETATM 197 H HS1    . ABS A 1 6  ? -1.200  -2.450  0.316   1.00 0.41 ? 6  ABS A HS1    1 
HETATM 198 H HS5    . ABS A 1 6  ? -1.468  1.664   1.536   1.00 0.29 ? 6  ABS A HS5    1 
HETATM 199 H HS2    . ABS A 1 6  ? -3.183  -2.990  1.704   1.00 0.46 ? 6  ABS A HS2    1 
HETATM 200 H HS4    . ABS A 1 6  ? -3.446  1.125   2.921   1.00 0.31 ? 6  ABS A HS4    1 
HETATM 201 H HS3    . ABS A 1 6  ? -4.308  -1.202  3.009   1.00 0.41 ? 6  ABS A HS3    1 
HETATM 202 H H8     . ABS A 1 6  ? 1.745   -5.373  -1.559  1.00 0.35 ? 6  ABS A H8     1 
HETATM 203 H "H2'"  . ABS A 1 6  ? 3.872   -6.297  -1.311  1.00 0.36 ? 6  ABS A "H2'"  1 
HETATM 204 H "H2''" . ABS A 1 6  ? 5.531   -5.844  -1.805  1.00 0.36 ? 6  ABS A "H2''" 1 
HETATM 205 H "H3'"  . ABS A 1 6  ? 4.658   -8.396  -1.925  1.00 0.38 ? 6  ABS A "H3'"  1 
ATOM   206 P P      . DA  A 1 7  ? 7.425   -7.873  -2.479  1.00 0.37 ? 7  DA  A P      1 
ATOM   207 O OP1    . DA  A 1 7  ? 8.226   -9.001  -3.003  1.00 1.54 ? 7  DA  A OP1    1 
ATOM   208 O OP2    . DA  A 1 7  ? 7.081   -7.816  -1.040  1.00 1.10 ? 7  DA  A OP2    1 
ATOM   209 O "O5'"  . DA  A 1 7  ? 8.166   -6.503  -2.874  1.00 0.33 ? 7  DA  A "O5'"  1 
ATOM   210 C "C5'"  . DA  A 1 7  ? 8.636   -6.283  -4.209  1.00 0.39 ? 7  DA  A "C5'"  1 
ATOM   211 C "C4'"  . DA  A 1 7  ? 9.175   -4.867  -4.373  1.00 0.39 ? 7  DA  A "C4'"  1 
ATOM   212 O "O4'"  . DA  A 1 7  ? 8.120   -3.888  -4.174  1.00 0.38 ? 7  DA  A "O4'"  1 
ATOM   213 C "C3'"  . DA  A 1 7  ? 10.257  -4.591  -3.338  1.00 0.35 ? 7  DA  A "C3'"  1 
ATOM   214 O "O3'"  . DA  A 1 7  ? 11.390  -3.931  -3.908  1.00 0.39 ? 7  DA  A "O3'"  1 
ATOM   215 C "C2'"  . DA  A 1 7  ? 9.558   -3.732  -2.339  1.00 0.30 ? 7  DA  A "C2'"  1 
ATOM   216 C "C1'"  . DA  A 1 7  ? 8.535   -2.966  -3.147  1.00 0.33 ? 7  DA  A "C1'"  1 
ATOM   217 N N9     . DA  A 1 7  ? 7.371   -2.628  -2.311  1.00 0.30 ? 7  DA  A N9     1 
ATOM   218 C C8     . DA  A 1 7  ? 6.660   -3.453  -1.524  1.00 0.29 ? 7  DA  A C8     1 
ATOM   219 N N7     . DA  A 1 7  ? 5.649   -2.965  -0.891  1.00 0.28 ? 7  DA  A N7     1 
ATOM   220 C C5     . DA  A 1 7  ? 5.679   -1.633  -1.307  1.00 0.28 ? 7  DA  A C5     1 
ATOM   221 C C6     . DA  A 1 7  ? 4.869   -0.535  -1.007  1.00 0.28 ? 7  DA  A C6     1 
ATOM   222 N N6     . DA  A 1 7  ? 3.824   -0.604  -0.179  1.00 0.29 ? 7  DA  A N6     1 
ATOM   223 N N1     . DA  A 1 7  ? 5.178   0.637   -1.587  1.00 0.29 ? 7  DA  A N1     1 
ATOM   224 C C2     . DA  A 1 7  ? 6.223   0.725   -2.415  1.00 0.30 ? 7  DA  A C2     1 
ATOM   225 N N3     . DA  A 1 7  ? 7.057   -0.251  -2.769  1.00 0.30 ? 7  DA  A N3     1 
ATOM   226 C C4     . DA  A 1 7  ? 6.727   -1.414  -2.175  1.00 0.30 ? 7  DA  A C4     1 
ATOM   227 H "H5'"  . DA  A 1 7  ? 7.815   -6.436  -4.909  1.00 0.43 ? 7  DA  A "H5'"  1 
ATOM   228 H "H5''" . DA  A 1 7  ? 9.431   -6.994  -4.429  1.00 0.40 ? 7  DA  A "H5''" 1 
ATOM   229 H "H4'"  . DA  A 1 7  ? 9.588   -4.748  -5.364  1.00 0.44 ? 7  DA  A "H4'"  1 
ATOM   230 H "H3'"  . DA  A 1 7  ? 10.562  -5.528  -2.868  1.00 0.33 ? 7  DA  A "H3'"  1 
ATOM   231 H "H2'"  . DA  A 1 7  ? 9.071   -4.347  -1.582  1.00 0.27 ? 7  DA  A "H2'"  1 
ATOM   232 H "H2''" . DA  A 1 7  ? 10.262  -3.051  -1.886  1.00 0.28 ? 7  DA  A "H2''" 1 
ATOM   233 H "H1'"  . DA  A 1 7  ? 8.975   -2.069  -3.581  1.00 0.35 ? 7  DA  A "H1'"  1 
ATOM   234 H H8     . DA  A 1 7  ? 6.942   -4.497  -1.430  1.00 0.29 ? 7  DA  A H8     1 
ATOM   235 H H61    . DA  A 1 7  ? 3.271   0.220   0.008   1.00 0.83 ? 7  DA  A H61    1 
ATOM   236 H H62    . DA  A 1 7  ? 3.588   -1.481  0.261   1.00 1.01 ? 7  DA  A H62    1 
ATOM   237 H H2     . DA  A 1 7  ? 6.418   1.707   -2.844  1.00 0.30 ? 7  DA  A H2     1 
ATOM   238 P P      . DG  A 1 8  ? 12.716  -3.691  -3.024  1.00 0.37 ? 8  DG  A P      1 
ATOM   239 O OP1    . DG  A 1 8  ? 13.888  -3.730  -3.927  1.00 1.35 ? 8  DG  A OP1    1 
ATOM   240 O OP2    . DG  A 1 8  ? 12.662  -4.587  -1.846  1.00 1.31 ? 8  DG  A OP2    1 
ATOM   241 O "O5'"  . DG  A 1 8  ? 12.519  -2.178  -2.516  1.00 0.38 ? 8  DG  A "O5'"  1 
ATOM   242 C "C5'"  . DG  A 1 8  ? 12.566  -1.105  -3.455  1.00 0.45 ? 8  DG  A "C5'"  1 
ATOM   243 C "C4'"  . DG  A 1 8  ? 12.477  0.260   -2.782  1.00 0.43 ? 8  DG  A "C4'"  1 
ATOM   244 O "O4'"  . DG  A 1 8  ? 11.119  0.550   -2.362  1.00 0.39 ? 8  DG  A "O4'"  1 
ATOM   245 C "C3'"  . DG  A 1 8  ? 13.361  0.338   -1.545  1.00 0.40 ? 8  DG  A "C3'"  1 
ATOM   246 O "O3'"  . DG  A 1 8  ? 14.078  1.582   -1.512  1.00 0.45 ? 8  DG  A "O3'"  1 
ATOM   247 C "C2'"  . DG  A 1 8  ? 12.389  0.210   -0.404  1.00 0.32 ? 8  DG  A "C2'"  1 
ATOM   248 C "C1'"  . DG  A 1 8  ? 11.104  0.801   -0.940  1.00 0.32 ? 8  DG  A "C1'"  1 
ATOM   249 N N9     . DG  A 1 8  ? 9.915   0.199   -0.304  1.00 0.26 ? 8  DG  A N9     1 
ATOM   250 C C8     . DG  A 1 8  ? 9.627   -1.099  -0.028  1.00 0.23 ? 8  DG  A C8     1 
ATOM   251 N N7     . DG  A 1 8  ? 8.500   -1.353  0.543   1.00 0.19 ? 8  DG  A N7     1 
ATOM   252 C C5     . DG  A 1 8  ? 7.954   -0.076  0.671   1.00 0.19 ? 8  DG  A C5     1 
ATOM   253 C C6     . DG  A 1 8  ? 6.716   0.329   1.225   1.00 0.19 ? 8  DG  A C6     1 
ATOM   254 O O6     . DG  A 1 8  ? 5.839   -0.370  1.724   1.00 0.21 ? 8  DG  A O6     1 
ATOM   255 N N1     . DG  A 1 8  ? 6.557   1.703   1.157   1.00 0.20 ? 8  DG  A N1     1 
ATOM   256 C C2     . DG  A 1 8  ? 7.471   2.589   0.621   1.00 0.21 ? 8  DG  A C2     1 
ATOM   257 N N2     . DG  A 1 8  ? 7.136   3.878   0.647   1.00 0.21 ? 8  DG  A N2     1 
ATOM   258 N N3     . DG  A 1 8  ? 8.636   2.217   0.098   1.00 0.23 ? 8  DG  A N3     1 
ATOM   259 C C4     . DG  A 1 8  ? 8.815   0.879   0.154   1.00 0.22 ? 8  DG  A C4     1 
ATOM   260 H "H5'"  . DG  A 1 8  ? 11.730  -1.208  -4.146  1.00 0.47 ? 8  DG  A "H5'"  1 
ATOM   261 H "H5''" . DG  A 1 8  ? 13.500  -1.164  -4.015  1.00 0.49 ? 8  DG  A "H5''" 1 
ATOM   262 H "H4'"  . DG  A 1 8  ? 12.794  1.024   -3.491  1.00 0.49 ? 8  DG  A "H4'"  1 
ATOM   263 H "H3'"  . DG  A 1 8  ? 14.059  -0.503  -1.533  1.00 0.41 ? 8  DG  A "H3'"  1 
ATOM   264 H "H2'"  . DG  A 1 8  ? 12.249  -0.839  -0.147  1.00 0.29 ? 8  DG  A "H2'"  1 
ATOM   265 H "H2''" . DG  A 1 8  ? 12.733  0.768   0.465   1.00 0.31 ? 8  DG  A "H2''" 1 
ATOM   266 H "H1'"  . DG  A 1 8  ? 11.102  1.879   -0.766  1.00 0.33 ? 8  DG  A "H1'"  1 
ATOM   267 H H8     . DG  A 1 8  ? 10.317  -1.899  -0.279  1.00 0.25 ? 8  DG  A H8     1 
ATOM   268 H H1     . DG  A 1 8  ? 5.698   2.063   1.537   1.00 0.21 ? 8  DG  A H1     1 
ATOM   269 H H21    . DG  A 1 8  ? 6.253   4.164   1.044   1.00 0.21 ? 8  DG  A H21    1 
ATOM   270 H H22    . DG  A 1 8  ? 7.767   4.571   0.270   1.00 0.23 ? 8  DG  A H22    1 
ATOM   271 P P      . DA  A 1 9  ? 14.734  2.147   -0.152  1.00 0.45 ? 9  DA  A P      1 
ATOM   272 O OP1    . DA  A 1 9  ? 15.899  2.985   -0.512  1.00 1.26 ? 9  DA  A OP1    1 
ATOM   273 O OP2    . DA  A 1 9  ? 14.902  1.019   0.795   1.00 1.46 ? 9  DA  A OP2    1 
ATOM   274 O "O5'"  . DA  A 1 9  ? 13.572  3.111   0.413   1.00 0.40 ? 9  DA  A "O5'"  1 
ATOM   275 C "C5'"  . DA  A 1 9  ? 13.203  4.299   -0.300  1.00 0.44 ? 9  DA  A "C5'"  1 
ATOM   276 C "C4'"  . DA  A 1 9  ? 12.373  5.249   0.562   1.00 0.39 ? 9  DA  A "C4'"  1 
ATOM   277 O "O4'"  . DA  A 1 9  ? 11.069  4.689   0.864   1.00 0.31 ? 9  DA  A "O4'"  1 
ATOM   278 C "C3'"  . DA  A 1 9  ? 13.068  5.536   1.885   1.00 0.39 ? 9  DA  A "C3'"  1 
ATOM   279 O "O3'"  . DA  A 1 9  ? 13.095  6.947   2.151   1.00 0.42 ? 9  DA  A "O3'"  1 
ATOM   280 C "C2'"  . DA  A 1 9  ? 12.262  4.780   2.913   1.00 0.30 ? 9  DA  A "C2'"  1 
ATOM   281 C "C1'"  . DA  A 1 9  ? 10.896  4.581   2.296   1.00 0.24 ? 9  DA  A "C1'"  1 
ATOM   282 N N9     . DA  A 1 9  ? 10.323  3.266   2.654   1.00 0.17 ? 9  DA  A N9     1 
ATOM   283 C C8     . DA  A 1 9  ? 10.824  2.022   2.462   1.00 0.18 ? 9  DA  A C8     1 
ATOM   284 N N7     . DA  A 1 9  ? 10.110  1.022   2.861   1.00 0.11 ? 9  DA  A N7     1 
ATOM   285 C C5     . DA  A 1 9  ? 8.988   1.670   3.388   1.00 0.06 ? 9  DA  A C5     1 
ATOM   286 C C6     . DA  A 1 9  ? 7.820   1.195   3.988   1.00 0.09 ? 9  DA  A C6     1 
ATOM   287 N N6     . DA  A 1 9  ? 7.576   -0.105  4.167   1.00 0.13 ? 9  DA  A N6     1 
ATOM   288 N N1     . DA  A 1 9  ? 6.914   2.108   4.395   1.00 0.13 ? 9  DA  A N1     1 
ATOM   289 C C2     . DA  A 1 9  ? 7.147   3.416   4.219   1.00 0.09 ? 9  DA  A C2     1 
ATOM   290 N N3     . DA  A 1 9  ? 8.221   3.970   3.663   1.00 0.07 ? 9  DA  A N3     1 
ATOM   291 C C4     . DA  A 1 9  ? 9.109   3.035   3.266   1.00 0.09 ? 9  DA  A C4     1 
ATOM   292 H "H5'"  . DA  A 1 9  ? 12.622  4.020   -1.180  1.00 0.45 ? 9  DA  A "H5'"  1 
ATOM   293 H "H5''" . DA  A 1 9  ? 14.109  4.815   -0.621  1.00 0.51 ? 9  DA  A "H5''" 1 
ATOM   294 H "H4'"  . DA  A 1 9  ? 12.236  6.188   0.023   1.00 0.43 ? 9  DA  A "H4'"  1 
ATOM   295 H "H3'"  . DA  A 1 9  ? 14.086  5.141   1.856   1.00 0.44 ? 9  DA  A "H3'"  1 
ATOM   296 H "H2'"  . DA  A 1 9  ? 12.724  3.816   3.115   1.00 0.31 ? 9  DA  A "H2'"  1 
ATOM   297 H "H2''" . DA  A 1 9  ? 12.176  5.360   3.832   1.00 0.30 ? 9  DA  A "H2''" 1 
ATOM   298 H "H1'"  . DA  A 1 9  ? 10.231  5.366   2.645   1.00 0.22 ? 9  DA  A "H1'"  1 
ATOM   299 H H8     . DA  A 1 9  ? 11.791  1.870   1.984   1.00 0.25 ? 9  DA  A H8     1 
ATOM   300 H H61    . DA  A 1 9  ? 6.717   -0.404  4.606   1.00 0.19 ? 9  DA  A H61    1 
ATOM   301 H H62    . DA  A 1 9  ? 8.252   -0.792  3.863   1.00 0.10 ? 9  DA  A H62    1 
ATOM   302 H H2     . DA  A 1 9  ? 6.374   4.108   4.576   1.00 0.13 ? 9  DA  A H2     1 
ATOM   303 P P      . DA  A 1 10 ? 13.471  7.518   3.611   1.00 0.43 ? 10 DA  A P      1 
ATOM   304 O OP1    . DA  A 1 10 ? 13.845  8.943   3.470   1.00 1.16 ? 10 DA  A OP1    1 
ATOM   305 O OP2    . DA  A 1 10 ? 14.403  6.570   4.261   1.00 1.55 ? 10 DA  A OP2    1 
ATOM   306 O "O5'"  . DA  A 1 10 ? 12.059  7.441   4.373   1.00 0.35 ? 10 DA  A "O5'"  1 
ATOM   307 C "C5'"  . DA  A 1 10 ? 10.927  8.133   3.842   1.00 0.31 ? 10 DA  A "C5'"  1 
ATOM   308 C "C4'"  . DA  A 1 10 ? 9.730   8.070   4.783   1.00 0.24 ? 10 DA  A "C4'"  1 
ATOM   309 O "O4'"  . DA  A 1 10 ? 9.180   6.725   4.845   1.00 0.16 ? 10 DA  A "O4'"  1 
ATOM   310 C "C3'"  . DA  A 1 10 ? 10.130  8.459   6.204   1.00 0.28 ? 10 DA  A "C3'"  1 
ATOM   311 O "O3'"  . DA  A 1 10 ? 9.171   9.348   6.785   1.00 0.25 ? 10 DA  A "O3'"  1 
ATOM   312 C "C2'"  . DA  A 1 10 ? 10.176  7.143   6.922   1.00 0.27 ? 10 DA  A "C2'"  1 
ATOM   313 C "C1'"  . DA  A 1 10 ? 9.120   6.318   6.228   1.00 0.18 ? 10 DA  A "C1'"  1 
ATOM   314 N N9     . DA  A 1 10 ? 9.388   4.874   6.362   1.00 0.19 ? 10 DA  A N9     1 
ATOM   315 C C8     . DA  A 1 10 ? 10.491  4.166   6.018   1.00 0.22 ? 10 DA  A C8     1 
ATOM   316 N N7     . DA  A 1 10 ? 10.477  2.895   6.232   1.00 0.23 ? 10 DA  A N7     1 
ATOM   317 C C5     . DA  A 1 10 ? 9.207   2.719   6.788   1.00 0.22 ? 10 DA  A C5     1 
ATOM   318 C C6     . DA  A 1 10 ? 8.527   1.590   7.256   1.00 0.26 ? 10 DA  A C6     1 
ATOM   319 N N6     . DA  A 1 10 ? 9.052   0.366   7.238   1.00 0.29 ? 10 DA  A N6     1 
ATOM   320 N N1     . DA  A 1 10 ? 7.287   1.772   7.742   1.00 0.29 ? 10 DA  A N1     1 
ATOM   321 C C2     . DA  A 1 10 ? 6.744   2.991   7.769   1.00 0.26 ? 10 DA  A C2     1 
ATOM   322 N N3     . DA  A 1 10 ? 7.297   4.126   7.354   1.00 0.20 ? 10 DA  A N3     1 
ATOM   323 C C4     . DA  A 1 10 ? 8.538   3.918   6.872   1.00 0.19 ? 10 DA  A C4     1 
ATOM   324 H "H5'"  . DA  A 1 10 ? 10.652  7.681   2.888   1.00 0.30 ? 10 DA  A "H5'"  1 
ATOM   325 H "H5''" . DA  A 1 10 ? 11.196  9.176   3.678   1.00 0.37 ? 10 DA  A "H5''" 1 
ATOM   326 H "H4'"  . DA  A 1 10 ? 8.959   8.754   4.430   1.00 0.22 ? 10 DA  A "H4'"  1 
ATOM   327 H "H3'"  . DA  A 1 10 ? 11.123  8.916   6.198   1.00 0.35 ? 10 DA  A "H3'"  1 
ATOM   328 H "H2'"  . DA  A 1 10 ? 11.155  6.682   6.811   1.00 0.32 ? 10 DA  A "H2'"  1 
ATOM   329 H "H2''" . DA  A 1 10 ? 9.934   7.269   7.975   1.00 0.30 ? 10 DA  A "H2''" 1 
ATOM   330 H "H1'"  . DA  A 1 10 ? 8.138   6.553   6.640   1.00 0.15 ? 10 DA  A "H1'"  1 
ATOM   331 H H8     . DA  A 1 10 ? 11.357  4.656   5.574   1.00 0.25 ? 10 DA  A H8     1 
ATOM   332 H H61    . DA  A 1 10 ? 8.520   -0.419  7.587   1.00 0.33 ? 10 DA  A H61    1 
ATOM   333 H H62    . DA  A 1 10 ? 9.984   0.222   6.874   1.00 0.28 ? 10 DA  A H62    1 
ATOM   334 H H2     . DA  A 1 10 ? 5.735   3.065   8.177   1.00 0.29 ? 10 DA  A H2     1 
ATOM   335 P P      . DG  A 1 11 ? 9.377   9.933   8.271   1.00 0.32 ? 11 DG  A P      1 
ATOM   336 O OP1    . DG  A 1 11 ? 9.250   11.407  8.211   1.00 1.43 ? 11 DG  A OP1    1 
ATOM   337 O OP2    . DG  A 1 11 ? 10.592  9.322   8.856   1.00 1.22 ? 11 DG  A OP2    1 
ATOM   338 O "O5'"  . DG  A 1 11 ? 8.095   9.348   9.047   1.00 0.28 ? 11 DG  A "O5'"  1 
ATOM   339 C "C5'"  . DG  A 1 11 ? 6.775   9.757   8.676   1.00 0.21 ? 11 DG  A "C5'"  1 
ATOM   340 C "C4'"  . DG  A 1 11 ? 5.721   9.176   9.616   1.00 0.25 ? 11 DG  A "C4'"  1 
ATOM   341 O "O4'"  . DG  A 1 11 ? 5.685   7.726   9.529   1.00 0.28 ? 11 DG  A "O4'"  1 
ATOM   342 C "C3'"  . DG  A 1 11 ? 6.038   9.508   11.061  1.00 0.34 ? 11 DG  A "C3'"  1 
ATOM   343 O "O3'"  . DG  A 1 11 ? 4.840   9.671   11.828  1.00 0.38 ? 11 DG  A "O3'"  1 
ATOM   344 C "C2'"  . DG  A 1 11 ? 6.819   8.315   11.523  1.00 0.41 ? 11 DG  A "C2'"  1 
ATOM   345 C "C1'"  . DG  A 1 11 ? 6.209   7.159   10.759  1.00 0.37 ? 11 DG  A "C1'"  1 
ATOM   346 N N9     . DG  A 1 11 ? 7.217   6.119   10.471  1.00 0.39 ? 11 DG  A N9     1 
ATOM   347 C C8     . DG  A 1 11 ? 8.410   6.223   9.834   1.00 0.37 ? 11 DG  A C8     1 
ATOM   348 N N7     . DG  A 1 11 ? 9.116   5.151   9.708   1.00 0.39 ? 11 DG  A N7     1 
ATOM   349 C C5     . DG  A 1 11 ? 8.305   4.201   10.334  1.00 0.43 ? 11 DG  A C5     1 
ATOM   350 C C6     . DG  A 1 11 ? 8.521   2.814   10.529  1.00 0.47 ? 11 DG  A C6     1 
ATOM   351 O O6     . DG  A 1 11 ? 9.486   2.140   10.183  1.00 0.48 ? 11 DG  A O6     1 
ATOM   352 N N1     . DG  A 1 11 ? 7.463   2.221   11.203  1.00 0.52 ? 11 DG  A N1     1 
ATOM   353 C C2     . DG  A 1 11 ? 6.332   2.878   11.642  1.00 0.53 ? 11 DG  A C2     1 
ATOM   354 N N2     . DG  A 1 11 ? 5.422   2.131   12.272  1.00 0.60 ? 11 DG  A N2     1 
ATOM   355 N N3     . DG  A 1 11 ? 6.119   4.186   11.463  1.00 0.49 ? 11 DG  A N3     1 
ATOM   356 C C4     . DG  A 1 11 ? 7.139   4.785   10.805  1.00 0.43 ? 11 DG  A C4     1 
ATOM   357 H "H5'"  . DG  A 1 11 ? 6.570   9.420   7.660   1.00 0.15 ? 11 DG  A "H5'"  1 
ATOM   358 H "H5''" . DG  A 1 11 ? 6.718   10.844  8.708   1.00 0.21 ? 11 DG  A "H5''" 1 
ATOM   359 H "H4'"  . DG  A 1 11 ? 4.743   9.575   9.356   1.00 0.23 ? 11 DG  A "H4'"  1 
ATOM   360 H "H3'"  . DG  A 1 11 ? 6.656   10.407  11.114  1.00 0.35 ? 11 DG  A "H3'"  1 
ATOM   361 H "HO3'" . DG  A 1 11 ? 4.318   8.874   11.713  1.00 0.41 ? 11 DG  A "HO3'" 1 
ATOM   362 H "H2'"  . DG  A 1 11 ? 7.871   8.431   11.263  1.00 0.41 ? 11 DG  A "H2'"  1 
ATOM   363 H "H2''" . DG  A 1 11 ? 6.703   8.169   12.596  1.00 0.47 ? 11 DG  A "H2''" 1 
ATOM   364 H "H1'"  . DG  A 1 11 ? 5.393   6.728   11.339  1.00 0.42 ? 11 DG  A "H1'"  1 
ATOM   365 H H8     . DG  A 1 11 ? 8.761   7.178   9.442   1.00 0.35 ? 11 DG  A H8     1 
ATOM   366 H H1     . DG  A 1 11 ? 7.548   1.229   11.376  1.00 0.55 ? 11 DG  A H1     1 
ATOM   367 H H21    . DG  A 1 11 ? 5.584   1.144   12.406  1.00 0.63 ? 11 DG  A H21    1 
ATOM   368 H H22    . DG  A 1 11 ? 4.572   2.554   12.616  1.00 0.62 ? 11 DG  A H22    1 
ATOM   369 O "O5'"  . DC  B 2 1  ? 7.146   -6.428  11.672  1.00 0.82 ? 12 DC  B "O5'"  1 
ATOM   370 C "C5'"  . DC  B 2 1  ? 6.345   -6.842  12.782  1.00 0.92 ? 12 DC  B "C5'"  1 
ATOM   371 C "C4'"  . DC  B 2 1  ? 5.271   -5.813  13.115  1.00 0.92 ? 12 DC  B "C4'"  1 
ATOM   372 O "O4'"  . DC  B 2 1  ? 5.864   -4.545  13.489  1.00 0.88 ? 12 DC  B "O4'"  1 
ATOM   373 C "C3'"  . DC  B 2 1  ? 4.363   -5.572  11.920  1.00 0.86 ? 12 DC  B "C3'"  1 
ATOM   374 O "O3'"  . DC  B 2 1  ? 2.993   -5.834  12.240  1.00 0.94 ? 12 DC  B "O3'"  1 
ATOM   375 C "C2'"  . DC  B 2 1  ? 4.583   -4.142  11.531  1.00 0.77 ? 12 DC  B "C2'"  1 
ATOM   376 C "C1'"  . DC  B 2 1  ? 5.352   -3.484  12.649  1.00 0.79 ? 12 DC  B "C1'"  1 
ATOM   377 N N1     . DC  B 2 1  ? 6.472   -2.726  12.057  1.00 0.71 ? 12 DC  B N1     1 
ATOM   378 C C2     . DC  B 2 1  ? 6.529   -1.347  12.225  1.00 0.67 ? 12 DC  B C2     1 
ATOM   379 O O2     . DC  B 2 1  ? 5.663   -0.756  12.867  1.00 0.70 ? 12 DC  B O2     1 
ATOM   380 N N3     . DC  B 2 1  ? 7.570   -0.677  11.653  1.00 0.60 ? 12 DC  B N3     1 
ATOM   381 C C4     . DC  B 2 1  ? 8.509   -1.328  10.951  1.00 0.57 ? 12 DC  B C4     1 
ATOM   382 N N4     . DC  B 2 1  ? 9.516   -0.647  10.406  1.00 0.52 ? 12 DC  B N4     1 
ATOM   383 C C5     . DC  B 2 1  ? 8.446   -2.744  10.779  1.00 0.60 ? 12 DC  B C5     1 
ATOM   384 C C6     . DC  B 2 1  ? 7.421   -3.394  11.344  1.00 0.67 ? 12 DC  B C6     1 
ATOM   385 H "H5'"  . DC  B 2 1  ? 6.985   -6.982  13.652  1.00 0.96 ? 12 DC  B "H5'"  1 
ATOM   386 H "H5''" . DC  B 2 1  ? 5.864   -7.790  12.538  1.00 0.95 ? 12 DC  B "H5''" 1 
ATOM   387 H "H4'"  . DC  B 2 1  ? 4.672   -6.182  13.944  1.00 1.00 ? 12 DC  B "H4'"  1 
ATOM   388 H "H3'"  . DC  B 2 1  ? 4.681   -6.206  11.086  1.00 0.83 ? 12 DC  B "H3'"  1 
ATOM   389 H "H2'"  . DC  B 2 1  ? 5.162   -4.102  10.624  1.00 0.70 ? 12 DC  B "H2'"  1 
ATOM   390 H "H2''" . DC  B 2 1  ? 3.633   -3.639  11.389  1.00 0.77 ? 12 DC  B "H2''" 1 
ATOM   391 H "H1'"  . DC  B 2 1  ? 4.702   -2.818  13.214  1.00 0.81 ? 12 DC  B "H1'"  1 
ATOM   392 H H41    . DC  B 2 1  ? 9.569   0.356   10.522  1.00 0.51 ? 12 DC  B H41    1 
ATOM   393 H H42    . DC  B 2 1  ? 10.225  -1.132  9.876   1.00 0.51 ? 12 DC  B H42    1 
ATOM   394 H H5     . DC  B 2 1  ? 9.200   -3.278  10.203  1.00 0.58 ? 12 DC  B H5     1 
ATOM   395 H H6     . DC  B 2 1  ? 7.335   -4.474  11.227  1.00 0.70 ? 12 DC  B H6     1 
ATOM   396 H "HO5'" . DC  B 2 1  ? 7.659   -7.189  11.390  1.00 1.50 ? 12 DC  B "HO5'" 1 
ATOM   397 P P      . DT  B 2 2  ? 1.869   -5.811  11.087  1.00 0.92 ? 13 DT  B P      1 
ATOM   398 O OP1    . DT  B 2 2  ? 0.633   -6.417  11.630  1.00 1.61 ? 13 DT  B OP1    1 
ATOM   399 O OP2    . DT  B 2 2  ? 2.467   -6.339  9.840   1.00 1.56 ? 13 DT  B OP2    1 
ATOM   400 O "O5'"  . DT  B 2 2  ? 1.618   -4.236  10.899  1.00 0.85 ? 13 DT  B "O5'"  1 
ATOM   401 C "C5'"  . DT  B 2 2  ? 1.110   -3.465  11.987  1.00 0.90 ? 13 DT  B "C5'"  1 
ATOM   402 C "C4'"  . DT  B 2 2  ? 0.904   -2.005  11.604  1.00 0.82 ? 13 DT  B "C4'"  1 
ATOM   403 O "O4'"  . DT  B 2 2  ? 2.167   -1.325  11.351  1.00 0.73 ? 13 DT  B "O4'"  1 
ATOM   404 C "C3'"  . DT  B 2 2  ? 0.083   -1.873  10.334  1.00 0.80 ? 13 DT  B "C3'"  1 
ATOM   405 O "O3'"  . DT  B 2 2  ? -0.815  -0.762  10.420  1.00 0.80 ? 13 DT  B "O3'"  1 
ATOM   406 C "C2'"  . DT  B 2 2  ? 1.126   -1.695  9.273   1.00 0.70 ? 13 DT  B "C2'"  1 
ATOM   407 C "C1'"  . DT  B 2 2  ? 2.218   -0.907  9.962   1.00 0.64 ? 13 DT  B "C1'"  1 
ATOM   408 N N1     . DT  B 2 2  ? 3.553   -1.191  9.381   1.00 0.57 ? 13 DT  B N1     1 
ATOM   409 C C2     . DT  B 2 2  ? 4.357   -0.112  9.057   1.00 0.48 ? 13 DT  B C2     1 
ATOM   410 O O2     . DT  B 2 2  ? 3.997   1.052   9.225   1.00 0.46 ? 13 DT  B O2     1 
ATOM   411 N N3     . DT  B 2 2  ? 5.596   -0.416  8.530   1.00 0.42 ? 13 DT  B N3     1 
ATOM   412 C C4     . DT  B 2 2  ? 6.100   -1.684  8.301   1.00 0.45 ? 13 DT  B C4     1 
ATOM   413 O O4     . DT  B 2 2  ? 7.223   -1.831  7.827   1.00 0.39 ? 13 DT  B O4     1 
ATOM   414 C C5     . DT  B 2 2  ? 5.196   -2.753  8.669   1.00 0.54 ? 13 DT  B C5     1 
ATOM   415 C C7     . DT  B 2 2  ? 5.627   -4.213  8.477   1.00 0.57 ? 13 DT  B C7     1 
ATOM   416 C C6     . DT  B 2 2  ? 3.978   -2.480  9.186   1.00 0.60 ? 13 DT  B C6     1 
ATOM   417 H "H5'"  . DT  B 2 2  ? 1.811   -3.518  12.820  1.00 0.92 ? 13 DT  B "H5'"  1 
ATOM   418 H "H5''" . DT  B 2 2  ? 0.154   -3.885  12.301  1.00 0.97 ? 13 DT  B "H5''" 1 
ATOM   419 H "H4'"  . DT  B 2 2  ? 0.393   -1.495  12.416  1.00 0.86 ? 13 DT  B "H4'"  1 
ATOM   420 H "H3'"  . DT  B 2 2  ? -0.469  -2.796  10.149  1.00 0.86 ? 13 DT  B "H3'"  1 
ATOM   421 H "H2'"  . DT  B 2 2  ? 1.498   -2.666  8.950   1.00 0.71 ? 13 DT  B "H2'"  1 
ATOM   422 H "H2''" . DT  B 2 2  ? 0.726   -1.139  8.425   1.00 0.67 ? 13 DT  B "H2''" 1 
ATOM   423 H "H1'"  . DT  B 2 2  ? 1.999   0.161   9.887   1.00 0.60 ? 13 DT  B "H1'"  1 
ATOM   424 H H3     . DT  B 2 2  ? 6.191   0.363   8.289   1.00 0.37 ? 13 DT  B H3     1 
ATOM   425 H H71    . DT  B 2 2  ? 4.788   -4.874  8.701   1.00 0.64 ? 13 DT  B H71    1 
ATOM   426 H H72    . DT  B 2 2  ? 6.453   -4.440  9.153   1.00 0.59 ? 13 DT  B H72    1 
ATOM   427 H H73    . DT  B 2 2  ? 5.947   -4.369  7.450   1.00 0.51 ? 13 DT  B H73    1 
ATOM   428 H H6     . DT  B 2 2  ? 3.320   -3.304  9.462   1.00 0.67 ? 13 DT  B H6     1 
ATOM   429 P P      . DT  B 2 3  ? -1.648  -0.249  9.142   1.00 0.78 ? 14 DT  B P      1 
ATOM   430 O OP1    . DT  B 2 3  ? -2.984  0.187   9.605   1.00 1.46 ? 14 DT  B OP1    1 
ATOM   431 O OP2    . DT  B 2 3  ? -1.531  -1.255  8.061   1.00 1.58 ? 14 DT  B OP2    1 
ATOM   432 O "O5'"  . DT  B 2 3  ? -0.809  1.052   8.721   1.00 0.67 ? 14 DT  B "O5'"  1 
ATOM   433 C "C5'"  . DT  B 2 3  ? -0.438  2.006   9.720   1.00 0.64 ? 14 DT  B "C5'"  1 
ATOM   434 C "C4'"  . DT  B 2 3  ? 0.278   3.205   9.114   1.00 0.55 ? 14 DT  B "C4'"  1 
ATOM   435 O "O4'"  . DT  B 2 3  ? 1.631   2.859   8.716   1.00 0.47 ? 14 DT  B "O4'"  1 
ATOM   436 C "C3'"  . DT  B 2 3  ? -0.449  3.684   7.869   1.00 0.54 ? 14 DT  B "C3'"  1 
ATOM   437 O "O3'"  . DT  B 2 3  ? -0.516  5.114   7.826   1.00 0.51 ? 14 DT  B "O3'"  1 
ATOM   438 C "C2'"  . DT  B 2 3  ? 0.368   3.121   6.746   1.00 0.48 ? 14 DT  B "C2'"  1 
ATOM   439 C "C1'"  . DT  B 2 3  ? 1.773   3.074   7.295   1.00 0.41 ? 14 DT  B "C1'"  1 
ATOM   440 N N1     . DT  B 2 3  ? 2.558   1.989   6.684   1.00 0.38 ? 14 DT  B N1     1 
ATOM   441 C C2     . DT  B 2 3  ? 3.757   2.323   6.086   1.00 0.27 ? 14 DT  B C2     1 
ATOM   442 O O2     . DT  B 2 3  ? 4.174   3.481   6.052   1.00 0.20 ? 14 DT  B O2     1 
ATOM   443 N N3     . DT  B 2 3  ? 4.463   1.278   5.526   1.00 0.24 ? 14 DT  B N3     1 
ATOM   444 C C4     . DT  B 2 3  ? 4.083   -0.052  5.510   1.00 0.32 ? 14 DT  B C4     1 
ATOM   445 O O4     . DT  B 2 3  ? 4.799   -0.896  4.980   1.00 0.28 ? 14 DT  B O4     1 
ATOM   446 C C5     . DT  B 2 3  ? 2.813   -0.307  6.160   1.00 0.43 ? 14 DT  B C5     1 
ATOM   447 C C7     . DT  B 2 3  ? 2.266   -1.733  6.220   1.00 0.52 ? 14 DT  B C7     1 
ATOM   448 C C6     . DT  B 2 3  ? 2.107   0.699   6.714   1.00 0.46 ? 14 DT  B C6     1 
ATOM   449 H "H5'"  . DT  B 2 3  ? 0.224   1.525   10.438  1.00 0.65 ? 14 DT  B "H5'"  1 
ATOM   450 H "H5''" . DT  B 2 3  ? -1.335  2.351   10.233  1.00 0.69 ? 14 DT  B "H5''" 1 
ATOM   451 H "H4'"  . DT  B 2 3  ? 0.316   4.011   9.845   1.00 0.55 ? 14 DT  B "H4'"  1 
ATOM   452 H "H3'"  . DT  B 2 3  ? -1.450  3.252   7.841   1.00 0.62 ? 14 DT  B "H3'"  1 
ATOM   453 H "H2'"  . DT  B 2 3  ? 0.017   2.121   6.499   1.00 0.52 ? 14 DT  B "H2'"  1 
ATOM   454 H "H2''" . DT  B 2 3  ? 0.324   3.769   5.874   1.00 0.46 ? 14 DT  B "H2''" 1 
ATOM   455 H "H1'"  . DT  B 2 3  ? 2.261   4.026   7.113   1.00 0.35 ? 14 DT  B "H1'"  1 
ATOM   456 H H3     . DT  B 2 3  ? 5.339   1.507   5.084   1.00 0.16 ? 14 DT  B H3     1 
ATOM   457 H H71    . DT  B 2 3  ? 1.206   -1.727  5.965   1.00 0.60 ? 14 DT  B H71    1 
ATOM   458 H H72    . DT  B 2 3  ? 2.393   -2.129  7.226   1.00 0.57 ? 14 DT  B H72    1 
ATOM   459 H H73    . DT  B 2 3  ? 2.806   -2.362  5.514   1.00 0.48 ? 14 DT  B H73    1 
ATOM   460 H H6     . DT  B 2 3  ? 1.157   0.484   7.203   1.00 0.55 ? 14 DT  B H6     1 
ATOM   461 P P      . DC  B 2 4  ? -1.133  5.876   6.549   1.00 0.51 ? 15 DC  B P      1 
ATOM   462 O OP1    . DC  B 2 4  ? -1.795  7.112   7.024   1.00 1.44 ? 15 DC  B OP1    1 
ATOM   463 O OP2    . DC  B 2 4  ? -1.892  4.897   5.737   1.00 1.35 ? 15 DC  B OP2    1 
ATOM   464 O "O5'"  . DC  B 2 4  ? 0.190   6.288   5.734   1.00 0.42 ? 15 DC  B "O5'"  1 
ATOM   465 C "C5'"  . DC  B 2 4  ? 1.102   7.244   6.281   1.00 0.40 ? 15 DC  B "C5'"  1 
ATOM   466 C "C4'"  . DC  B 2 4  ? 2.217   7.589   5.302   1.00 0.36 ? 15 DC  B "C4'"  1 
ATOM   467 O "O4'"  . DC  B 2 4  ? 3.110   6.458   5.080   1.00 0.31 ? 15 DC  B "O4'"  1 
ATOM   468 C "C3'"  . DC  B 2 4  ? 1.651   7.979   3.943   1.00 0.38 ? 15 DC  B "C3'"  1 
ATOM   469 O "O3'"  . DC  B 2 4  ? 2.306   9.130   3.405   1.00 0.37 ? 15 DC  B "O3'"  1 
ATOM   470 C "C2'"  . DC  B 2 4  ? 1.884   6.764   3.101   1.00 0.37 ? 15 DC  B "C2'"  1 
ATOM   471 C "C1'"  . DC  B 2 4  ? 3.140   6.151   3.665   1.00 0.31 ? 15 DC  B "C1'"  1 
ATOM   472 N N1     . DC  B 2 4  ? 3.164   4.697   3.413   1.00 0.30 ? 15 DC  B N1     1 
ATOM   473 C C2     . DC  B 2 4  ? 4.265   4.180   2.747   1.00 0.26 ? 15 DC  B C2     1 
ATOM   474 O O2     . DC  B 2 4  ? 5.181   4.918   2.393   1.00 0.24 ? 15 DC  B O2     1 
ATOM   475 N N3     . DC  B 2 4  ? 4.296   2.848   2.496   1.00 0.25 ? 15 DC  B N3     1 
ATOM   476 C C4     . DC  B 2 4  ? 3.297   2.051   2.875   1.00 0.28 ? 15 DC  B C4     1 
ATOM   477 N N4     . DC  B 2 4  ? 3.375   0.750   2.606   1.00 0.27 ? 15 DC  B N4     1 
ATOM   478 C C5     . DC  B 2 4  ? 2.156   2.578   3.562   1.00 0.32 ? 15 DC  B C5     1 
ATOM   479 C C6     . DC  B 2 4  ? 2.133   3.899   3.807   1.00 0.33 ? 15 DC  B C6     1 
ATOM   480 H "H5'"  . DC  B 2 4  ? 1.542   6.838   7.192   1.00 0.39 ? 15 DC  B "H5'"  1 
ATOM   481 H "H5''" . DC  B 2 4  ? 0.554   8.154   6.528   1.00 0.43 ? 15 DC  B "H5''" 1 
ATOM   482 H "H4'"  . DC  B 2 4  ? 2.795   8.424   5.699   1.00 0.35 ? 15 DC  B "H4'"  1 
ATOM   483 H "H3'"  . DC  B 2 4  ? 0.576   8.161   4.029   1.00 0.42 ? 15 DC  B "H3'"  1 
ATOM   484 H "H2'"  . DC  B 2 4  ? 1.050   6.069   3.203   1.00 0.39 ? 15 DC  B "H2'"  1 
ATOM   485 H "H2''" . DC  B 2 4  ? 2.027   7.038   2.058   1.00 0.37 ? 15 DC  B "H2''" 1 
ATOM   486 H "H1'"  . DC  B 2 4  ? 4.016   6.615   3.212   1.00 0.29 ? 15 DC  B "H1'"  1 
ATOM   487 H H41    . DC  B 2 4  ? 4.183   0.380   2.124   1.00 0.24 ? 15 DC  B H41    1 
ATOM   488 H H42    . DC  B 2 4  ? 2.635   0.134   2.883   1.00 0.29 ? 15 DC  B H42    1 
ATOM   489 H H5     . DC  B 2 4  ? 1.336   1.938   3.876   1.00 0.34 ? 15 DC  B H5     1 
ATOM   490 H H6     . DC  B 2 4  ? 1.280   4.337   4.323   1.00 0.37 ? 15 DC  B H6     1 
ATOM   491 P P      . DT  B 2 5  ? 1.798   9.784   2.023   1.00 0.39 ? 16 DT  B P      1 
ATOM   492 O OP1    . DT  B 2 5  ? 2.117   11.228  2.048   1.00 1.21 ? 16 DT  B OP1    1 
ATOM   493 O OP2    . DT  B 2 5  ? 0.407   9.339   1.777   1.00 1.46 ? 16 DT  B OP2    1 
ATOM   494 O "O5'"  . DT  B 2 5  ? 2.752   9.072   0.941   1.00 0.39 ? 16 DT  B "O5'"  1 
ATOM   495 C "C5'"  . DT  B 2 5  ? 4.128   9.440   0.852   1.00 0.41 ? 16 DT  B "C5'"  1 
ATOM   496 C "C4'"  . DT  B 2 5  ? 4.823   8.771   -0.326  1.00 0.38 ? 16 DT  B "C4'"  1 
ATOM   497 O "O4'"  . DT  B 2 5  ? 4.955   7.337   -0.135  1.00 0.35 ? 16 DT  B "O4'"  1 
ATOM   498 C "C3'"  . DT  B 2 5  ? 4.053   8.985   -1.623  1.00 0.39 ? 16 DT  B "C3'"  1 
ATOM   499 O "O3'"  . DT  B 2 5  ? 4.933   9.401   -2.674  1.00 0.39 ? 16 DT  B "O3'"  1 
ATOM   500 C "C2'"  . DT  B 2 5  ? 3.432   7.642   -1.899  1.00 0.37 ? 16 DT  B "C2'"  1 
ATOM   501 C "C1'"  . DT  B 2 5  ? 4.399   6.655   -1.282  1.00 0.35 ? 16 DT  B "C1'"  1 
ATOM   502 N N1     . DT  B 2 5  ? 3.746   5.382   -0.884  1.00 0.34 ? 16 DT  B N1     1 
ATOM   503 C C2     . DT  B 2 5  ? 4.408   4.208   -1.200  1.00 0.32 ? 16 DT  B C2     1 
ATOM   504 O O2     . DT  B 2 5  ? 5.486   4.199   -1.792  1.00 0.31 ? 16 DT  B O2     1 
ATOM   505 N N3     . DT  B 2 5  ? 3.789   3.037   -0.810  1.00 0.32 ? 16 DT  B N3     1 
ATOM   506 C C4     . DT  B 2 5  ? 2.590   2.932   -0.146  1.00 0.33 ? 16 DT  B C4     1 
ATOM   507 O O4     . DT  B 2 5  ? 2.150   1.827   0.149   1.00 0.33 ? 16 DT  B O4     1 
ATOM   508 C C5     . DT  B 2 5  ? 1.959   4.201   0.148   1.00 0.35 ? 16 DT  B C5     1 
ATOM   509 C C7     . DT  B 2 5  ? 0.615   4.221   0.882   1.00 0.38 ? 16 DT  B C7     1 
ATOM   510 C C6     . DT  B 2 5  ? 2.543   5.367   -0.222  1.00 0.36 ? 16 DT  B C6     1 
ATOM   511 H "H5'"  . DT  B 2 5  ? 4.634   9.150   1.773   1.00 0.42 ? 16 DT  B "H5'"  1 
ATOM   512 H "H5''" . DT  B 2 5  ? 4.197   10.521  0.735   1.00 0.43 ? 16 DT  B "H5''" 1 
ATOM   513 H "H4'"  . DT  B 2 5  ? 5.816   9.198   -0.436  1.00 0.38 ? 16 DT  B "H4'"  1 
ATOM   514 H "H3'"  . DT  B 2 5  ? 3.267   9.730   -1.466  1.00 0.42 ? 16 DT  B "H3'"  1 
ATOM   515 H "H2'"  . DT  B 2 5  ? 2.457   7.575   -1.420  1.00 0.38 ? 16 DT  B "H2'"  1 
ATOM   516 H "H2''" . DT  B 2 5  ? 3.345   7.472   -2.971  1.00 0.37 ? 16 DT  B "H2''" 1 
ATOM   517 H "H1'"  . DT  B 2 5  ? 5.199   6.446   -1.996  1.00 0.34 ? 16 DT  B "H1'"  1 
ATOM   518 H H3     . DT  B 2 5  ? 4.257   2.173   -1.037  1.00 0.31 ? 16 DT  B H3     1 
ATOM   519 H H71    . DT  B 2 5  ? 0.699   4.822   1.784   1.00 0.34 ? 16 DT  B H71    1 
ATOM   520 H H72    . DT  B 2 5  ? 0.330   3.203   1.154   1.00 0.61 ? 16 DT  B H72    1 
ATOM   521 H H73    . DT  B 2 5  ? -0.151  4.648   0.233   1.00 0.45 ? 16 DT  B H73    1 
ATOM   522 H H6     . DT  B 2 5  ? 2.050   6.309   0.008   1.00 0.38 ? 16 DT  B H6     1 
ATOM   523 P P      . DT  B 2 6  ? 4.412   9.549   -4.191  1.00 0.41 ? 17 DT  B P      1 
ATOM   524 O OP1    . DT  B 2 6  ? 5.147   10.666  -4.825  1.00 1.59 ? 17 DT  B OP1    1 
ATOM   525 O OP2    . DT  B 2 6  ? 2.932   9.548   -4.184  1.00 1.06 ? 17 DT  B OP2    1 
ATOM   526 O "O5'"  . DT  B 2 6  ? 4.915   8.172   -4.852  1.00 0.37 ? 17 DT  B "O5'"  1 
ATOM   527 C "C5'"  . DT  B 2 6  ? 6.315   7.897   -4.943  1.00 0.37 ? 17 DT  B "C5'"  1 
ATOM   528 C "C4'"  . DT  B 2 6  ? 6.592   6.556   -5.613  1.00 0.35 ? 17 DT  B "C4'"  1 
ATOM   529 O "O4'"  . DT  B 2 6  ? 6.059   5.447   -4.838  1.00 0.34 ? 17 DT  B "O4'"  1 
ATOM   530 C "C3'"  . DT  B 2 6  ? 5.957   6.480   -6.996  1.00 0.35 ? 17 DT  B "C3'"  1 
ATOM   531 O "O3'"  . DT  B 2 6  ? 6.895   5.958   -7.949  1.00 0.34 ? 17 DT  B "O3'"  1 
ATOM   532 C "C2'"  . DT  B 2 6  ? 4.774   5.571   -6.803  1.00 0.33 ? 17 DT  B "C2'"  1 
ATOM   533 C "C1'"  . DT  B 2 6  ? 5.194   4.654   -5.682  1.00 0.32 ? 17 DT  B "C1'"  1 
ATOM   534 N N1     . DT  B 2 6  ? 4.029   4.127   -4.933  1.00 0.32 ? 17 DT  B N1     1 
ATOM   535 C C2     . DT  B 2 6  ? 3.960   2.757   -4.756  1.00 0.30 ? 17 DT  B C2     1 
ATOM   536 O O2     . DT  B 2 6  ? 4.821   1.992   -5.193  1.00 0.30 ? 17 DT  B O2     1 
ATOM   537 N N3     . DT  B 2 6  ? 2.866   2.289   -4.056  1.00 0.30 ? 17 DT  B N3     1 
ATOM   538 C C4     . DT  B 2 6  ? 1.848   3.055   -3.524  1.00 0.31 ? 17 DT  B C4     1 
ATOM   539 O O4     . DT  B 2 6  ? 0.919   2.527   -2.916  1.00 0.31 ? 17 DT  B O4     1 
ATOM   540 C C5     . DT  B 2 6  ? 1.997   4.474   -3.754  1.00 0.33 ? 17 DT  B C5     1 
ATOM   541 C C7     . DT  B 2 6  ? 0.934   5.431   -3.214  1.00 0.35 ? 17 DT  B C7     1 
ATOM   542 C C6     . DT  B 2 6  ? 3.059   4.960   -4.436  1.00 0.33 ? 17 DT  B C6     1 
ATOM   543 H "H5'"  . DT  B 2 6  ? 6.740   7.883   -3.938  1.00 0.38 ? 17 DT  B "H5'"  1 
ATOM   544 H "H5''" . DT  B 2 6  ? 6.795   8.689   -5.519  1.00 0.39 ? 17 DT  B "H5''" 1 
ATOM   545 H "H4'"  . DT  B 2 6  ? 7.670   6.427   -5.712  1.00 0.36 ? 17 DT  B "H4'"  1 
ATOM   546 H "H3'"  . DT  B 2 6  ? 5.616   7.474   -7.304  1.00 0.36 ? 17 DT  B "H3'"  1 
ATOM   547 H "H2'"  . DT  B 2 6  ? 3.899   6.151   -6.514  1.00 0.33 ? 17 DT  B "H2'"  1 
ATOM   548 H "H2''" . DT  B 2 6  ? 4.571   5.000   -7.707  1.00 0.32 ? 17 DT  B "H2''" 1 
ATOM   549 H "H1'"  . DT  B 2 6  ? 5.763   3.823   -6.100  1.00 0.32 ? 17 DT  B "H1'"  1 
ATOM   550 H H3     . DT  B 2 6  ? 2.803   1.289   -3.924  1.00 0.30 ? 17 DT  B H3     1 
ATOM   551 H H71    . DT  B 2 6  ? 0.189   4.868   -2.650  1.00 0.50 ? 17 DT  B H71    1 
ATOM   552 H H72    . DT  B 2 6  ? 0.448   5.943   -4.044  1.00 0.54 ? 17 DT  B H72    1 
ATOM   553 H H73    . DT  B 2 6  ? 1.403   6.164   -2.559  1.00 0.22 ? 17 DT  B H73    1 
ATOM   554 H H6     . DT  B 2 6  ? 3.145   6.035   -4.597  1.00 0.35 ? 17 DT  B H6     1 
ATOM   555 P P      . DG  B 2 7  ? 6.442   5.534   -9.437  1.00 0.33 ? 18 DG  B P      1 
ATOM   556 O OP1    . DG  B 2 7  ? 7.488   5.987   -10.383 1.00 1.55 ? 18 DG  B OP1    1 
ATOM   557 O OP2    . DG  B 2 7  ? 5.033   5.944   -9.641  1.00 1.06 ? 18 DG  B OP2    1 
ATOM   558 O "O5'"  . DG  B 2 7  ? 6.494   3.926   -9.356  1.00 0.29 ? 18 DG  B "O5'"  1 
ATOM   559 C "C5'"  . DG  B 2 7  ? 7.731   3.254   -9.083  1.00 0.32 ? 18 DG  B "C5'"  1 
ATOM   560 C "C4'"  . DG  B 2 7  ? 7.570   1.738   -9.142  1.00 0.31 ? 18 DG  B "C4'"  1 
ATOM   561 O "O4'"  . DG  B 2 7  ? 6.687   1.268   -8.092  1.00 0.30 ? 18 DG  B "O4'"  1 
ATOM   562 C "C3'"  . DG  B 2 7  ? 6.976   1.313   -10.475 1.00 0.27 ? 18 DG  B "C3'"  1 
ATOM   563 O "O3'"  . DG  B 2 7  ? 7.776   0.290   -11.085 1.00 0.29 ? 18 DG  B "O3'"  1 
ATOM   564 C "C2'"  . DG  B 2 7  ? 5.598   0.816   -10.146 1.00 0.23 ? 18 DG  B "C2'"  1 
ATOM   565 C "C1'"  . DG  B 2 7  ? 5.599   0.515   -8.671  1.00 0.26 ? 18 DG  B "C1'"  1 
ATOM   566 N N9     . DG  B 2 7  ? 4.316   0.885   -8.055  1.00 0.24 ? 18 DG  B N9     1 
ATOM   567 C C8     . DG  B 2 7  ? 3.737   2.097   -7.948  1.00 0.23 ? 18 DG  B C8     1 
ATOM   568 N N7     . DG  B 2 7  ? 2.594   2.166   -7.345  1.00 0.23 ? 18 DG  B N7     1 
ATOM   569 C C5     . DG  B 2 7  ? 2.377   0.827   -7.002  1.00 0.24 ? 18 DG  B C5     1 
ATOM   570 C C6     . DG  B 2 7  ? 1.289   0.223   -6.315  1.00 0.25 ? 18 DG  B C6     1 
ATOM   571 O O6     . DG  B 2 7  ? 0.280   0.762   -5.856  1.00 0.26 ? 18 DG  B O6     1 
ATOM   572 N N1     . DG  B 2 7  ? 1.474   -1.150  -6.184  1.00 0.26 ? 18 DG  B N1     1 
ATOM   573 C C2     . DG  B 2 7  ? 2.564   -1.856  -6.653  1.00 0.25 ? 18 DG  B C2     1 
ATOM   574 N N2     . DG  B 2 7  ? 2.565   -3.169  -6.431  1.00 0.26 ? 18 DG  B N2     1 
ATOM   575 N N3     . DG  B 2 7  ? 3.586   -1.295  -7.297  1.00 0.25 ? 18 DG  B N3     1 
ATOM   576 C C4     . DG  B 2 7  ? 3.430   0.040   -7.437  1.00 0.24 ? 18 DG  B C4     1 
ATOM   577 H "H5'"  . DG  B 2 7  ? 8.082   3.535   -8.090  1.00 0.34 ? 18 DG  B "H5'"  1 
ATOM   578 H "H5''" . DG  B 2 7  ? 8.472   3.559   -9.823  1.00 0.32 ? 18 DG  B "H5''" 1 
ATOM   579 H "H4'"  . DG  B 2 7  ? 8.546   1.274   -9.025  1.00 0.34 ? 18 DG  B "H4'"  1 
ATOM   580 H "H3'"  . DG  B 2 7  ? 6.899   2.175   -11.133 1.00 0.25 ? 18 DG  B "H3'"  1 
ATOM   581 H "H2'"  . DG  B 2 7  ? 4.867   1.589   -10.360 1.00 0.21 ? 18 DG  B "H2'"  1 
ATOM   582 H "H2''" . DG  B 2 7  ? 5.379   -0.080  -10.712 1.00 0.22 ? 18 DG  B "H2''" 1 
ATOM   583 H "H1'"  . DG  B 2 7  ? 5.763   -0.545  -8.526  1.00 0.27 ? 18 DG  B "H1'"  1 
ATOM   584 H H8     . DG  B 2 7  ? 4.216   2.976   -8.366  1.00 0.23 ? 18 DG  B H8     1 
ATOM   585 H H1     . DG  B 2 7  ? 0.745   -1.651  -5.703  1.00 0.27 ? 18 DG  B H1     1 
ATOM   586 H H21    . DG  B 2 7  ? 1.793   -3.598  -5.942  1.00 0.26 ? 18 DG  B H21    1 
ATOM   587 H H22    . DG  B 2 7  ? 3.338   -3.735  -6.750  1.00 0.26 ? 18 DG  B H22    1 
ATOM   588 P P      . DT  B 2 8  ? 7.454   -0.246  -12.571 1.00 0.27 ? 19 DT  B P      1 
ATOM   589 O OP1    . DT  B 2 8  ? 8.723   -0.700  -13.185 1.00 1.34 ? 19 DT  B OP1    1 
ATOM   590 O OP2    . DT  B 2 8  ? 6.622   0.763   -13.264 1.00 1.28 ? 19 DT  B OP2    1 
ATOM   591 O "O5'"  . DT  B 2 8  ? 6.544   -1.542  -12.285 1.00 0.24 ? 19 DT  B "O5'"  1 
ATOM   592 C "C5'"  . DT  B 2 8  ? 7.129   -2.728  -11.736 1.00 0.28 ? 19 DT  B "C5'"  1 
ATOM   593 C "C4'"  . DT  B 2 8  ? 6.076   -3.789  -11.428 1.00 0.26 ? 19 DT  B "C4'"  1 
ATOM   594 O "O4'"  . DT  B 2 8  ? 5.106   -3.293  -10.471 1.00 0.23 ? 19 DT  B "O4'"  1 
ATOM   595 C "C3'"  . DT  B 2 8  ? 5.312   -4.186  -12.692 1.00 0.23 ? 19 DT  B "C3'"  1 
ATOM   596 O "O3'"  . DT  B 2 8  ? 5.396   -5.598  -12.916 1.00 0.25 ? 19 DT  B "O3'"  1 
ATOM   597 C "C2'"  . DT  B 2 8  ? 3.895   -3.744  -12.435 1.00 0.17 ? 19 DT  B "C2'"  1 
ATOM   598 C "C1'"  . DT  B 2 8  ? 3.784   -3.630  -10.934 1.00 0.18 ? 19 DT  B "C1'"  1 
ATOM   599 N N1     . DT  B 2 8  ? 2.825   -2.574  -10.545 1.00 0.15 ? 19 DT  B N1     1 
ATOM   600 C C2     . DT  B 2 8  ? 1.721   -2.938  -9.793  1.00 0.14 ? 19 DT  B C2     1 
ATOM   601 O O2     . DT  B 2 8  ? 1.507   -4.099  -9.454  1.00 0.14 ? 19 DT  B O2     1 
ATOM   602 N N3     . DT  B 2 8  ? 0.867   -1.908  -9.441  1.00 0.13 ? 19 DT  B N3     1 
ATOM   603 C C4     . DT  B 2 8  ? 1.019   -0.571  -9.770  1.00 0.13 ? 19 DT  B C4     1 
ATOM   604 O O4     . DT  B 2 8  ? 0.193   0.261   -9.403  1.00 0.13 ? 19 DT  B O4     1 
ATOM   605 C C5     . DT  B 2 8  ? 2.199   -0.291  -10.556 1.00 0.13 ? 19 DT  B C5     1 
ATOM   606 C C7     . DT  B 2 8  ? 2.506   1.141   -10.986 1.00 0.13 ? 19 DT  B C7     1 
ATOM   607 C C6     . DT  B 2 8  ? 3.043   -1.275  -10.909 1.00 0.15 ? 19 DT  B C6     1 
ATOM   608 H "H5'"  . DT  B 2 8  ? 7.654   -2.471  -10.815 1.00 0.31 ? 19 DT  B "H5'"  1 
ATOM   609 H "H5''" . DT  B 2 8  ? 7.845   -3.134  -12.452 1.00 0.31 ? 19 DT  B "H5''" 1 
ATOM   610 H "H4'"  . DT  B 2 8  ? 6.565   -4.669  -11.013 1.00 0.28 ? 19 DT  B "H4'"  1 
ATOM   611 H "H3'"  . DT  B 2 8  ? 5.714   -3.643  -13.551 1.00 0.24 ? 19 DT  B "H3'"  1 
ATOM   612 H "H2'"  . DT  B 2 8  ? 3.711   -2.780  -12.897 1.00 0.16 ? 19 DT  B "H2'"  1 
ATOM   613 H "H2''" . DT  B 2 8  ? 3.192   -4.484  -12.810 1.00 0.16 ? 19 DT  B "H2''" 1 
ATOM   614 H "H1'"  . DT  B 2 8  ? 3.474   -4.583  -10.520 1.00 0.18 ? 19 DT  B "H1'"  1 
ATOM   615 H H3     . DT  B 2 8  ? 0.055   -2.156  -8.898  1.00 0.14 ? 19 DT  B H3     1 
ATOM   616 H H71    . DT  B 2 8  ? 2.928   1.690   -10.146 1.00 0.15 ? 19 DT  B H71    1 
ATOM   617 H H72    . DT  B 2 8  ? 1.592   1.629   -11.314 1.00 0.11 ? 19 DT  B H72    1 
ATOM   618 H H73    . DT  B 2 8  ? 3.228   1.129   -11.806 1.00 0.13 ? 19 DT  B H73    1 
ATOM   619 H H6     . DT  B 2 8  ? 3.917   -1.032  -11.505 1.00 0.16 ? 19 DT  B H6     1 
ATOM   620 P P      . DC  B 2 9  ? 4.649   -6.280  -14.168 1.00 0.23 ? 20 DC  B P      1 
ATOM   621 O OP1    . DC  B 2 9  ? 5.367   -7.527  -14.514 1.00 1.25 ? 20 DC  B OP1    1 
ATOM   622 O OP2    . DC  B 2 9  ? 4.426   -5.244  -15.202 1.00 1.36 ? 20 DC  B OP2    1 
ATOM   623 O "O5'"  . DC  B 2 9  ? 3.226   -6.673  -13.533 1.00 0.17 ? 20 DC  B "O5'"  1 
ATOM   624 C "C5'"  . DC  B 2 9  ? 3.163   -7.572  -12.424 1.00 0.17 ? 20 DC  B "C5'"  1 
ATOM   625 C "C4'"  . DC  B 2 9  ? 1.732   -7.773  -11.946 1.00 0.13 ? 20 DC  B "C4'"  1 
ATOM   626 O "O4'"  . DC  B 2 9  ? 1.235   -6.584  -11.291 1.00 0.10 ? 20 DC  B "O4'"  1 
ATOM   627 C "C3'"  . DC  B 2 9  ? 0.812   -8.078  -13.122 1.00 0.12 ? 20 DC  B "C3'"  1 
ATOM   628 O "O3'"  . DC  B 2 9  ? 0.182   -9.352  -12.948 1.00 0.12 ? 20 DC  B "O3'"  1 
ATOM   629 C "C2'"  . DC  B 2 9  ? -0.198  -6.956  -13.130 1.00 0.09 ? 20 DC  B "C2'"  1 
ATOM   630 C "C1'"  . DC  B 2 9  ? -0.091  -6.300  -11.772 1.00 0.07 ? 20 DC  B "C1'"  1 
ATOM   631 N N1     . DC  B 2 9  ? -0.330  -4.845  -11.852 1.00 0.05 ? 20 DC  B N1     1 
ATOM   632 C C2     . DC  B 2 9  ? -1.422  -4.331  -11.165 1.00 0.05 ? 20 DC  B C2     1 
ATOM   633 O O2     . DC  B 2 9  ? -2.158  -5.079  -10.523 1.00 0.06 ? 20 DC  B O2     1 
ATOM   634 N N3     . DC  B 2 9  ? -1.651  -2.989  -11.225 1.00 0.07 ? 20 DC  B N3     1 
ATOM   635 C C4     . DC  B 2 9  ? -0.843  -2.185  -11.930 1.00 0.06 ? 20 DC  B C4     1 
ATOM   636 N N4     . DC  B 2 9  ? -1.092  -0.875  -11.968 1.00 0.08 ? 20 DC  B N4     1 
ATOM   637 C C5     . DC  B 2 9  ? 0.284   -2.713  -12.639 1.00 0.05 ? 20 DC  B C5     1 
ATOM   638 C C6     . DC  B 2 9  ? 0.500   -4.041  -12.572 1.00 0.06 ? 20 DC  B C6     1 
ATOM   639 H "H5'"  . DC  B 2 9  ? 3.757   -7.166  -11.606 1.00 0.18 ? 20 DC  B "H5'"  1 
ATOM   640 H "H5''" . DC  B 2 9  ? 3.578   -8.536  -12.722 1.00 0.19 ? 20 DC  B "H5''" 1 
ATOM   641 H "H4'"  . DC  B 2 9  ? 1.702   -8.606  -11.242 1.00 0.14 ? 20 DC  B "H4'"  1 
ATOM   642 H "H3'"  . DC  B 2 9  ? 1.383   -8.065  -14.052 1.00 0.15 ? 20 DC  B "H3'"  1 
ATOM   643 H "H2'"  . DC  B 2 9  ? 0.049   -6.236  -13.908 1.00 0.09 ? 20 DC  B "H2'"  1 
ATOM   644 H "H2''" . DC  B 2 9  ? -1.196  -7.340  -13.283 1.00 0.08 ? 20 DC  B "H2''" 1 
ATOM   645 H "H1'"  . DC  B 2 9  ? -0.821  -6.750  -11.102 1.00 0.06 ? 20 DC  B "H1'"  1 
ATOM   646 H H41    . DC  B 2 9  ? -1.885  -0.494  -11.469 1.00 0.11 ? 20 DC  B H41    1 
ATOM   647 H H42    . DC  B 2 9  ? -0.489  -0.261  -12.496 1.00 0.08 ? 20 DC  B H42    1 
ATOM   648 H H5     . DC  B 2 9  ? 0.945   -2.062  -13.211 1.00 0.06 ? 20 DC  B H5     1 
ATOM   649 H H6     . DC  B 2 9  ? 1.347   -4.481  -13.099 1.00 0.08 ? 20 DC  B H6     1 
ATOM   650 P P      . DC  B 2 10 ? -0.612  -10.060 -14.158 1.00 0.18 ? 21 DC  B P      1 
ATOM   651 O OP1    . DC  B 2 10 ? -0.587  -11.523 -13.935 1.00 1.31 ? 21 DC  B OP1    1 
ATOM   652 O OP2    . DC  B 2 10 ? -0.114  -9.501  -15.436 1.00 1.29 ? 21 DC  B OP2    1 
ATOM   653 O "O5'"  . DC  B 2 10 ? -2.117  -9.541  -13.931 1.00 0.16 ? 21 DC  B "O5'"  1 
ATOM   654 C "C5'"  . DC  B 2 10 ? -2.884  -10.017 -12.820 1.00 0.14 ? 21 DC  B "C5'"  1 
ATOM   655 C "C4'"  . DC  B 2 10 ? -4.228  -9.307  -12.720 1.00 0.19 ? 21 DC  B "C4'"  1 
ATOM   656 O "O4'"  . DC  B 2 10 ? -4.051  -7.926  -12.371 1.00 0.18 ? 21 DC  B "O4'"  1 
ATOM   657 C "C3'"  . DC  B 2 10 ? -4.949  -9.340  -14.056 1.00 0.25 ? 21 DC  B "C3'"  1 
ATOM   658 O "O3'"  . DC  B 2 10 ? -5.980  -10.339 -14.047 1.00 0.29 ? 21 DC  B "O3'"  1 
ATOM   659 C "C2'"  . DC  B 2 10 ? -5.518  -7.952  -14.222 1.00 0.28 ? 21 DC  B "C2'"  1 
ATOM   660 C "C1'"  . DC  B 2 10 ? -5.086  -7.157  -13.007 1.00 0.24 ? 21 DC  B "C1'"  1 
ATOM   661 N N1     . DC  B 2 10 ? -4.567  -5.836  -13.395 1.00 0.24 ? 21 DC  B N1     1 
ATOM   662 C C2     . DC  B 2 10 ? -5.198  -4.711  -12.889 1.00 0.26 ? 21 DC  B C2     1 
ATOM   663 O O2     . DC  B 2 10 ? -6.174  -4.828  -12.150 1.00 0.28 ? 21 DC  B O2     1 
ATOM   664 N N3     . DC  B 2 10 ? -4.706  -3.489  -13.236 1.00 0.25 ? 21 DC  B N3     1 
ATOM   665 C C4     . DC  B 2 10 ? -3.641  -3.380  -14.044 1.00 0.24 ? 21 DC  B C4     1 
ATOM   666 N N4     . DC  B 2 10 ? -3.186  -2.166  -14.364 1.00 0.24 ? 21 DC  B N4     1 
ATOM   667 C C5     . DC  B 2 10 ? -2.992  -4.547  -14.565 1.00 0.23 ? 21 DC  B C5     1 
ATOM   668 C C6     . DC  B 2 10 ? -3.490  -5.745  -14.214 1.00 0.22 ? 21 DC  B C6     1 
ATOM   669 H "H5'"  . DC  B 2 10 ? -2.322  -9.843  -11.904 1.00 0.10 ? 21 DC  B "H5'"  1 
ATOM   670 H "H5''" . DC  B 2 10 ? -3.053  -11.087 -12.940 1.00 0.15 ? 21 DC  B "H5''" 1 
ATOM   671 H "H4'"  . DC  B 2 10 ? -4.843  -9.794  -11.966 1.00 0.20 ? 21 DC  B "H4'"  1 
ATOM   672 H "H3'"  . DC  B 2 10 ? -4.237  -9.537  -14.858 1.00 0.26 ? 21 DC  B "H3'"  1 
ATOM   673 H "H2'"  . DC  B 2 10 ? -5.123  -7.493  -15.128 1.00 0.29 ? 21 DC  B "H2'"  1 
ATOM   674 H "H2''" . DC  B 2 10 ? -6.596  -7.999  -14.265 1.00 0.32 ? 21 DC  B "H2''" 1 
ATOM   675 H "H1'"  . DC  B 2 10 ? -5.934  -7.038  -12.333 1.00 0.27 ? 21 DC  B "H1'"  1 
ATOM   676 H H41    . DC  B 2 10 ? -3.643  -1.343  -13.997 1.00 0.24 ? 21 DC  B H41    1 
ATOM   677 H H42    . DC  B 2 10 ? -2.385  -2.071  -14.972 1.00 0.24 ? 21 DC  B H42    1 
ATOM   678 H H5     . DC  B 2 10 ? -2.123  -4.471  -15.218 1.00 0.23 ? 21 DC  B H5     1 
ATOM   679 H H6     . DC  B 2 10 ? -3.031  -6.657  -14.595 1.00 0.22 ? 21 DC  B H6     1 
ATOM   680 P P      . DG  B 2 11 ? -7.119  -10.376 -15.187 1.00 0.36 ? 22 DG  B P      1 
ATOM   681 O OP1    . DG  B 2 11 ? -7.820  -11.677 -15.099 1.00 1.53 ? 22 DG  B OP1    1 
ATOM   682 O OP2    . DG  B 2 11 ? -6.512  -9.953  -16.468 1.00 1.10 ? 22 DG  B OP2    1 
ATOM   683 O "O5'"  . DG  B 2 11 ? -8.133  -9.221  -14.701 1.00 0.39 ? 22 DG  B "O5'"  1 
ATOM   684 C "C5'"  . DG  B 2 11 ? -8.892  -9.381  -13.494 1.00 0.40 ? 22 DG  B "C5'"  1 
ATOM   685 C "C4'"  . DG  B 2 11 ? -10.070 -8.409  -13.428 1.00 0.44 ? 22 DG  B "C4'"  1 
ATOM   686 O "O4'"  . DG  B 2 11 ? -9.617  -7.037  -13.310 1.00 0.43 ? 22 DG  B "O4'"  1 
ATOM   687 C "C3'"  . DG  B 2 11 ? -10.912 -8.495  -14.690 1.00 0.48 ? 22 DG  B "C3'"  1 
ATOM   688 O "O3'"  . DG  B 2 11 ? -12.306 -8.367  -14.389 1.00 0.51 ? 22 DG  B "O3'"  1 
ATOM   689 C "C2'"  . DG  B 2 11 ? -10.433 -7.343  -15.526 1.00 0.48 ? 22 DG  B "C2'"  1 
ATOM   690 C "C1'"  . DG  B 2 11 ? -9.927  -6.316  -14.528 1.00 0.45 ? 22 DG  B "C1'"  1 
ATOM   691 N N9     . DG  B 2 11 ? -8.740  -5.602  -15.042 1.00 0.43 ? 22 DG  B N9     1 
ATOM   692 C C8     . DG  B 2 11 ? -7.596  -6.100  -15.565 1.00 0.40 ? 22 DG  B C8     1 
ATOM   693 N N7     . DG  B 2 11 ? -6.693  -5.261  -15.946 1.00 0.39 ? 22 DG  B N7     1 
ATOM   694 C C5     . DG  B 2 11 ? -7.297  -4.039  -15.646 1.00 0.41 ? 22 DG  B C5     1 
ATOM   695 C C6     . DG  B 2 11 ? -6.810  -2.720  -15.830 1.00 0.41 ? 22 DG  B C6     1 
ATOM   696 O O6     . DG  B 2 11 ? -5.734  -2.365  -16.300 1.00 0.40 ? 22 DG  B O6     1 
ATOM   697 N N1     . DG  B 2 11 ? -7.728  -1.772  -15.397 1.00 0.44 ? 22 DG  B N1     1 
ATOM   698 C C2     . DG  B 2 11 ? -8.965  -2.053  -14.852 1.00 0.47 ? 22 DG  B C2     1 
ATOM   699 N N2     . DG  B 2 11 ? -9.705  -1.002  -14.495 1.00 0.49 ? 22 DG  B N2     1 
ATOM   700 N N3     . DG  B 2 11 ? -9.432  -3.295  -14.675 1.00 0.47 ? 22 DG  B N3     1 
ATOM   701 C C4     . DG  B 2 11 ? -8.552  -4.236  -15.091 1.00 0.44 ? 22 DG  B C4     1 
ATOM   702 H "H5'"  . DG  B 2 11 ? -8.239  -9.208  -12.639 1.00 0.36 ? 22 DG  B "H5'"  1 
ATOM   703 H "H5''" . DG  B 2 11 ? -9.273  -10.402 -13.450 1.00 0.42 ? 22 DG  B "H5''" 1 
ATOM   704 H "H4'"  . DG  B 2 11 ? -10.689 -8.655  -12.565 1.00 0.45 ? 22 DG  B "H4'"  1 
ATOM   705 H "H3'"  . DG  B 2 11 ? -10.719 -9.440  -15.205 1.00 0.47 ? 22 DG  B "H3'"  1 
ATOM   706 H "HO3'" . DG  B 2 11 ? -12.430 -7.515  -13.965 1.00 0.50 ? 22 DG  B "HO3'" 1 
ATOM   707 H "H2'"  . DG  B 2 11 ? -9.622  -7.669  -16.177 1.00 0.46 ? 22 DG  B "H2'"  1 
ATOM   708 H "H2''" . DG  B 2 11 ? -11.250 -6.930  -16.116 1.00 0.51 ? 22 DG  B "H2''" 1 
ATOM   709 H "H1'"  . DG  B 2 11 ? -10.721 -5.596  -14.326 1.00 0.48 ? 22 DG  B "H1'"  1 
ATOM   710 H H8     . DG  B 2 11 ? -7.444  -7.173  -15.660 1.00 0.39 ? 22 DG  B H8     1 
ATOM   711 H H1     . DG  B 2 11 ? -7.448  -0.806  -15.497 1.00 0.44 ? 22 DG  B H1     1 
ATOM   712 H H21    . DG  B 2 11 ? -9.352  -0.066  -14.630 1.00 0.49 ? 22 DG  B H21    1 
ATOM   713 H H22    . DG  B 2 11 ? -10.620 -1.142  -14.090 1.00 0.52 ? 22 DG  B H22    1 
# 
